data_6L4Q
#
_entry.id   6L4Q
#
_cell.length_a   52.181
_cell.length_b   121.833
_cell.length_c   179.695
_cell.angle_alpha   90.000
_cell.angle_beta   90.000
_cell.angle_gamma   90.000
#
_symmetry.space_group_name_H-M   'P 21 21 21'
#
loop_
_entity.id
_entity.type
_entity.pdbx_description
1 polymer 'Lysine--tRNA ligase'
2 non-polymer (3R)-3-[[(3R)-3-methylpiperidin-1-yl]methyl]-6,8-bis(oxidanyl)-3,4-dihydroisochromen-1-one
3 non-polymer LYSINE
4 water water
#
_entity_poly.entity_id   1
_entity_poly.type   'polypeptide(L)'
_entity_poly.pdbx_seq_one_letter_code
;EVDPRLYFENRSKFIQDQKDKGINPYPHKFERTISIPEFIEKYKDLGNGEHLEDTILNITGRIMRVSASGQKLRFFDLVG
DGEKIQVLANYSFHNHEKGNFAECYDKIRRGDIVGIVGFPGKSKKGELSIFPKETILLSACLHMLPMKYGLKDTEIRYRQ
RYLDLLINESSRHTFVTRTKIINFLRNFLNERGFFEVETPMMNLIAGGANARPFITHHNDLDLDLYLRIATELPLKMLIV
GGIDKVYEIGKVFRNEGIDNTHNPEFTSCEFYWAYADYNDLIKWSEDFFSQLVYHLFGTYKISYNKDGPENQPIEIDFTP
PYPKVSIVEEIEKVTNTILEQPFDSNETIEKMINIIKEHKIELPNPPTAAKLLDQLASHFIENKYNDKPFFIVEHPQIMS
PLAKYHRTKPGLTERLEMFICGKEVLNAYTELNDPFKQKECFKLQQKDREKGDTEAAQLDSAFCTSLEYGLPPTGGLGLG
IDRITMFLTNKNSIKDVILFPTMRPAN
;
_entity_poly.pdbx_strand_id   B,A
#
loop_
_chem_comp.id
_chem_comp.type
_chem_comp.name
_chem_comp.formula
E5R non-polymer (3R)-3-[[(3R)-3-methylpiperidin-1-yl]methyl]-6,8-bis(oxidanyl)-3,4-dihydroisochromen-1-one 'C16 H21 N O4'
#
# COMPACT_ATOMS: atom_id res chain seq x y z
N ASP A 3 -42.13 -0.95 -2.92
CA ASP A 3 -42.43 -2.01 -1.97
C ASP A 3 -41.44 -1.99 -0.80
N PRO A 4 -41.96 -2.13 0.42
CA PRO A 4 -41.10 -1.99 1.60
C PRO A 4 -40.28 -3.23 1.90
N ARG A 5 -40.12 -3.53 3.19
CA ARG A 5 -39.37 -4.70 3.63
C ARG A 5 -40.11 -6.01 3.41
N LEU A 6 -41.35 -5.96 2.92
CA LEU A 6 -42.09 -7.20 2.67
C LEU A 6 -41.42 -8.05 1.60
N TYR A 7 -40.87 -7.41 0.57
CA TYR A 7 -40.17 -8.16 -0.47
C TYR A 7 -38.94 -8.86 0.12
N PHE A 8 -38.21 -8.18 1.01
CA PHE A 8 -37.06 -8.80 1.66
C PHE A 8 -37.50 -9.94 2.58
N GLU A 9 -38.64 -9.79 3.24
CA GLU A 9 -39.12 -10.82 4.15
C GLU A 9 -39.84 -11.95 3.42
N ASN A 10 -40.44 -11.66 2.26
CA ASN A 10 -41.03 -12.73 1.46
C ASN A 10 -39.94 -13.55 0.77
N ARG A 11 -38.88 -12.89 0.30
CA ARG A 11 -37.77 -13.62 -0.29
C ARG A 11 -36.99 -14.41 0.75
N SER A 12 -36.92 -13.91 1.99
CA SER A 12 -36.27 -14.65 3.06
C SER A 12 -37.03 -15.94 3.36
N LYS A 13 -38.36 -15.90 3.28
CA LYS A 13 -39.15 -17.11 3.41
C LYS A 13 -39.13 -17.94 2.13
N PHE A 14 -38.93 -17.30 0.98
CA PHE A 14 -38.87 -18.02 -0.29
C PHE A 14 -37.67 -18.95 -0.33
N ILE A 15 -36.49 -18.47 0.09
CA ILE A 15 -35.32 -19.32 0.15
C ILE A 15 -35.41 -20.34 1.27
N GLN A 16 -36.21 -20.05 2.30
CA GLN A 16 -36.45 -21.04 3.35
C GLN A 16 -37.25 -22.22 2.84
N ASP A 17 -38.28 -21.95 2.02
CA ASP A 17 -39.06 -23.03 1.44
C ASP A 17 -38.24 -23.82 0.43
N GLN A 18 -37.35 -23.15 -0.31
CA GLN A 18 -36.50 -23.84 -1.27
C GLN A 18 -35.58 -24.83 -0.58
N LYS A 19 -35.14 -24.52 0.65
CA LYS A 19 -34.31 -25.46 1.40
C LYS A 19 -35.13 -26.65 1.87
N ASP A 20 -36.38 -26.42 2.27
CA ASP A 20 -37.23 -27.52 2.72
C ASP A 20 -37.63 -28.43 1.57
N LYS A 21 -37.86 -27.86 0.38
CA LYS A 21 -38.20 -28.67 -0.79
C LYS A 21 -37.04 -29.54 -1.26
N GLY A 22 -35.83 -29.25 -0.80
CA GLY A 22 -34.66 -30.03 -1.18
C GLY A 22 -33.79 -29.40 -2.26
N ILE A 23 -33.77 -28.09 -2.36
CA ILE A 23 -32.91 -27.37 -3.31
C ILE A 23 -32.00 -26.44 -2.51
N ASN A 24 -30.70 -26.56 -2.75
CA ASN A 24 -29.72 -25.77 -2.01
C ASN A 24 -29.57 -24.40 -2.65
N PRO A 25 -30.03 -23.32 -1.99
CA PRO A 25 -29.88 -21.99 -2.59
C PRO A 25 -28.47 -21.48 -2.60
N TYR A 26 -27.56 -22.09 -1.84
CA TYR A 26 -26.15 -21.70 -1.80
C TYR A 26 -25.29 -22.96 -1.93
N PRO A 27 -25.19 -23.52 -3.14
CA PRO A 27 -24.34 -24.68 -3.34
C PRO A 27 -22.87 -24.33 -3.14
N HIS A 28 -22.09 -25.33 -2.74
CA HIS A 28 -20.68 -25.10 -2.41
C HIS A 28 -19.90 -24.67 -3.65
N LYS A 29 -19.81 -25.52 -4.66
CA LYS A 29 -19.01 -25.25 -5.84
C LYS A 29 -19.86 -25.44 -7.09
N PHE A 30 -19.70 -24.51 -8.04
CA PHE A 30 -20.24 -24.63 -9.40
C PHE A 30 -19.14 -24.12 -10.34
N GLU A 31 -18.32 -25.04 -10.82
CA GLU A 31 -17.17 -24.67 -11.64
C GLU A 31 -17.64 -24.11 -12.98
N ARG A 32 -17.26 -22.87 -13.26
CA ARG A 32 -17.55 -22.24 -14.53
C ARG A 32 -16.35 -22.38 -15.47
N THR A 33 -16.64 -22.42 -16.78
CA THR A 33 -15.60 -22.62 -17.77
C THR A 33 -15.13 -21.33 -18.43
N ILE A 34 -15.92 -20.26 -18.38
CA ILE A 34 -15.57 -19.02 -19.05
C ILE A 34 -16.34 -17.88 -18.37
N SER A 35 -15.66 -16.76 -18.18
CA SER A 35 -16.28 -15.60 -17.58
C SER A 35 -17.06 -14.79 -18.62
N ILE A 36 -17.77 -13.78 -18.15
CA ILE A 36 -18.59 -12.93 -19.02
C ILE A 36 -17.71 -12.06 -19.92
N PRO A 37 -16.66 -11.40 -19.40
CA PRO A 37 -15.78 -10.65 -20.32
C PRO A 37 -15.11 -11.53 -21.36
N GLU A 38 -14.67 -12.73 -20.97
CA GLU A 38 -14.11 -13.66 -21.96
C GLU A 38 -15.18 -14.13 -22.93
N PHE A 39 -16.43 -14.22 -22.49
CA PHE A 39 -17.52 -14.63 -23.37
C PHE A 39 -17.74 -13.62 -24.48
N ILE A 40 -17.66 -12.32 -24.16
CA ILE A 40 -17.90 -11.30 -25.17
C ILE A 40 -16.73 -11.23 -26.15
N GLU A 41 -15.50 -11.34 -25.64
CA GLU A 41 -14.33 -11.18 -26.50
C GLU A 41 -14.18 -12.31 -27.51
N LYS A 42 -14.88 -13.43 -27.32
CA LYS A 42 -14.74 -14.58 -28.19
C LYS A 42 -15.86 -14.71 -29.21
N TYR A 43 -17.12 -14.69 -28.75
CA TYR A 43 -18.27 -14.95 -29.61
C TYR A 43 -18.98 -13.67 -30.05
N LYS A 44 -18.24 -12.56 -30.15
CA LYS A 44 -18.86 -11.32 -30.62
C LYS A 44 -18.97 -11.27 -32.13
N ASP A 45 -18.05 -11.91 -32.85
CA ASP A 45 -18.04 -11.88 -34.31
C ASP A 45 -18.85 -13.03 -34.91
N LEU A 46 -20.09 -13.15 -34.46
CA LEU A 46 -21.02 -14.14 -34.99
C LEU A 46 -22.11 -13.45 -35.81
N GLY A 47 -22.86 -14.26 -36.55
CA GLY A 47 -23.96 -13.73 -37.33
C GLY A 47 -25.21 -13.57 -36.48
N ASN A 48 -26.02 -12.57 -36.85
CA ASN A 48 -27.26 -12.30 -36.13
C ASN A 48 -28.20 -13.50 -36.20
N GLY A 49 -28.37 -14.18 -35.07
CA GLY A 49 -29.16 -15.40 -35.03
C GLY A 49 -28.38 -16.68 -35.18
N GLU A 50 -27.07 -16.61 -35.40
CA GLU A 50 -26.26 -17.81 -35.54
C GLU A 50 -26.12 -18.51 -34.20
N HIS A 51 -26.37 -19.81 -34.19
CA HIS A 51 -26.30 -20.62 -32.98
C HIS A 51 -25.16 -21.62 -33.09
N LEU A 52 -24.46 -21.83 -31.97
CA LEU A 52 -23.39 -22.82 -31.86
C LEU A 52 -23.82 -23.88 -30.85
N GLU A 53 -24.85 -24.66 -31.21
CA GLU A 53 -25.52 -25.56 -30.28
C GLU A 53 -24.63 -26.70 -29.82
N ASP A 54 -23.42 -26.81 -30.36
CA ASP A 54 -22.52 -27.89 -30.00
C ASP A 54 -21.47 -27.50 -28.97
N THR A 55 -21.18 -26.20 -28.84
CA THR A 55 -20.16 -25.72 -27.91
C THR A 55 -20.86 -25.26 -26.63
N ILE A 56 -20.92 -26.16 -25.63
CA ILE A 56 -21.56 -25.86 -24.36
C ILE A 56 -20.54 -25.22 -23.42
N LEU A 57 -21.03 -24.31 -22.57
CA LEU A 57 -20.17 -23.57 -21.67
C LEU A 57 -20.85 -23.45 -20.31
N ASN A 58 -20.03 -23.25 -19.27
CA ASN A 58 -20.50 -23.00 -17.92
C ASN A 58 -20.15 -21.55 -17.55
N ILE A 59 -21.18 -20.74 -17.35
CA ILE A 59 -20.99 -19.31 -17.07
C ILE A 59 -21.78 -18.94 -15.82
N THR A 60 -21.38 -17.80 -15.23
CA THR A 60 -22.04 -17.27 -14.05
C THR A 60 -22.24 -15.78 -14.23
N GLY A 61 -23.05 -15.20 -13.34
CA GLY A 61 -23.31 -13.78 -13.39
C GLY A 61 -24.47 -13.42 -12.49
N ARG A 62 -24.83 -12.14 -12.52
CA ARG A 62 -25.91 -11.60 -11.72
C ARG A 62 -26.98 -11.01 -12.63
N ILE A 63 -28.22 -11.46 -12.44
CA ILE A 63 -29.32 -10.97 -13.27
C ILE A 63 -29.70 -9.56 -12.83
N MET A 64 -29.72 -8.63 -13.79
CA MET A 64 -30.11 -7.25 -13.52
C MET A 64 -31.31 -6.82 -14.35
N ARG A 65 -31.94 -7.73 -15.09
CA ARG A 65 -33.09 -7.41 -15.92
C ARG A 65 -33.90 -8.68 -16.13
N VAL A 66 -35.21 -8.59 -15.91
CA VAL A 66 -36.11 -9.73 -16.09
C VAL A 66 -37.30 -9.25 -16.91
N SER A 67 -37.51 -9.89 -18.06
CA SER A 67 -38.62 -9.54 -18.94
C SER A 67 -39.17 -10.81 -19.56
N ALA A 68 -40.50 -10.92 -19.56
CA ALA A 68 -41.18 -12.06 -20.15
C ALA A 68 -41.61 -11.74 -21.57
N SER A 69 -41.73 -12.78 -22.39
CA SER A 69 -42.13 -12.62 -23.78
C SER A 69 -42.79 -13.88 -24.32
N GLY A 70 -44.08 -14.05 -24.05
CA GLY A 70 -44.81 -15.20 -24.55
C GLY A 70 -44.61 -16.48 -23.77
N GLN A 71 -43.95 -16.43 -22.61
CA GLN A 71 -43.69 -17.58 -21.74
C GLN A 71 -42.90 -18.69 -22.44
N LYS A 72 -42.44 -18.47 -23.66
CA LYS A 72 -41.59 -19.41 -24.37
C LYS A 72 -40.13 -18.97 -24.39
N LEU A 73 -39.88 -17.67 -24.46
CA LEU A 73 -38.53 -17.11 -24.44
C LEU A 73 -38.42 -16.16 -23.27
N ARG A 74 -37.43 -16.40 -22.40
CA ARG A 74 -37.16 -15.55 -21.25
C ARG A 74 -35.90 -14.74 -21.51
N PHE A 75 -35.99 -13.44 -21.28
CA PHE A 75 -34.89 -12.52 -21.54
C PHE A 75 -34.33 -11.99 -20.22
N PHE A 76 -33.01 -12.01 -20.09
CA PHE A 76 -32.34 -11.52 -18.89
C PHE A 76 -31.10 -10.75 -19.29
N ASP A 77 -30.55 -10.00 -18.33
CA ASP A 77 -29.27 -9.31 -18.49
C ASP A 77 -28.32 -9.85 -17.44
N LEU A 78 -27.29 -10.56 -17.90
CA LEU A 78 -26.28 -11.15 -17.03
C LEU A 78 -25.08 -10.22 -16.97
N VAL A 79 -24.76 -9.73 -15.78
CA VAL A 79 -23.68 -8.77 -15.57
C VAL A 79 -22.56 -9.44 -14.80
N GLY A 80 -21.33 -9.30 -15.30
CA GLY A 80 -20.16 -9.84 -14.63
C GLY A 80 -18.90 -9.08 -14.97
N ASP A 81 -18.22 -8.55 -13.94
CA ASP A 81 -17.00 -7.79 -14.12
C ASP A 81 -17.21 -6.58 -15.03
N GLY A 82 -18.27 -5.81 -14.76
CA GLY A 82 -18.52 -4.58 -15.48
C GLY A 82 -18.99 -4.72 -16.90
N GLU A 83 -19.36 -5.93 -17.33
CA GLU A 83 -19.85 -6.16 -18.68
C GLU A 83 -21.15 -6.95 -18.62
N LYS A 84 -21.96 -6.82 -19.67
CA LYS A 84 -23.32 -7.34 -19.68
C LYS A 84 -23.54 -8.21 -20.92
N ILE A 85 -24.35 -9.26 -20.74
CA ILE A 85 -24.78 -10.13 -21.83
C ILE A 85 -26.25 -10.47 -21.62
N GLN A 86 -26.89 -10.87 -22.71
CA GLN A 86 -28.30 -11.26 -22.66
C GLN A 86 -28.42 -12.77 -22.47
N VAL A 87 -29.53 -13.18 -21.86
CA VAL A 87 -29.83 -14.59 -21.63
C VAL A 87 -31.06 -14.94 -22.46
N LEU A 88 -30.89 -15.84 -23.43
CA LEU A 88 -31.97 -16.26 -24.32
C LEU A 88 -32.40 -17.65 -23.85
N ALA A 89 -33.39 -17.66 -22.94
CA ALA A 89 -33.92 -18.91 -22.39
C ALA A 89 -35.03 -19.42 -23.30
N ASN A 90 -34.62 -20.00 -24.43
CA ASN A 90 -35.56 -20.60 -25.36
C ASN A 90 -36.18 -21.85 -24.75
N TYR A 91 -37.49 -22.00 -24.93
CA TYR A 91 -38.18 -23.17 -24.37
C TYR A 91 -37.75 -24.46 -25.05
N SER A 92 -37.44 -24.40 -26.35
CA SER A 92 -37.05 -25.60 -27.08
C SER A 92 -35.69 -26.12 -26.66
N PHE A 93 -34.84 -25.28 -26.07
CA PHE A 93 -33.52 -25.69 -25.64
C PHE A 93 -33.44 -26.01 -24.15
N HIS A 94 -34.50 -25.74 -23.39
CA HIS A 94 -34.47 -25.97 -21.95
C HIS A 94 -34.53 -27.45 -21.63
N ASN A 95 -33.82 -27.86 -20.58
CA ASN A 95 -33.85 -29.23 -20.10
C ASN A 95 -34.98 -29.35 -19.09
N HIS A 96 -36.09 -29.96 -19.52
CA HIS A 96 -37.28 -30.07 -18.69
C HIS A 96 -37.15 -31.12 -17.59
N GLU A 97 -36.06 -31.89 -17.57
CA GLU A 97 -35.90 -32.91 -16.54
C GLU A 97 -35.53 -32.30 -15.19
N LYS A 98 -34.91 -31.11 -15.20
CA LYS A 98 -34.48 -30.47 -13.96
C LYS A 98 -35.62 -29.79 -13.22
N GLY A 99 -36.81 -29.70 -13.82
CA GLY A 99 -37.94 -29.10 -13.15
C GLY A 99 -38.85 -28.41 -14.15
N ASN A 100 -39.93 -27.86 -13.62
CA ASN A 100 -40.90 -27.15 -14.46
C ASN A 100 -40.26 -25.91 -15.06
N PHE A 101 -40.35 -25.80 -16.39
CA PHE A 101 -39.76 -24.65 -17.08
C PHE A 101 -40.36 -23.34 -16.59
N ALA A 102 -41.64 -23.35 -16.18
CA ALA A 102 -42.24 -22.15 -15.62
C ALA A 102 -41.63 -21.82 -14.26
N GLU A 103 -41.54 -22.82 -13.38
CA GLU A 103 -41.01 -22.58 -12.04
C GLU A 103 -39.50 -22.38 -12.06
N CYS A 104 -38.80 -22.96 -13.04
CA CYS A 104 -37.35 -22.81 -13.12
C CYS A 104 -36.92 -21.40 -13.50
N TYR A 105 -37.85 -20.54 -13.94
CA TYR A 105 -37.53 -19.18 -14.31
C TYR A 105 -38.39 -18.13 -13.62
N ASP A 106 -39.53 -18.50 -13.05
CA ASP A 106 -40.31 -17.55 -12.26
C ASP A 106 -39.65 -17.26 -10.91
N LYS A 107 -38.67 -18.06 -10.50
CA LYS A 107 -37.94 -17.83 -9.27
C LYS A 107 -36.79 -16.85 -9.41
N ILE A 108 -36.30 -16.65 -10.63
CA ILE A 108 -35.17 -15.76 -10.87
C ILE A 108 -35.65 -14.32 -10.82
N ARG A 109 -35.15 -13.57 -9.84
CA ARG A 109 -35.48 -12.17 -9.66
C ARG A 109 -34.27 -11.30 -10.01
N ARG A 110 -34.47 -9.99 -9.95
CA ARG A 110 -33.38 -9.06 -10.24
C ARG A 110 -32.36 -9.05 -9.12
N GLY A 111 -31.09 -9.24 -9.47
CA GLY A 111 -30.01 -9.26 -8.50
C GLY A 111 -29.53 -10.65 -8.12
N ASP A 112 -30.18 -11.70 -8.60
CA ASP A 112 -29.80 -13.05 -8.23
C ASP A 112 -28.57 -13.50 -9.02
N ILE A 113 -27.68 -14.23 -8.34
CA ILE A 113 -26.51 -14.82 -8.97
C ILE A 113 -26.86 -16.24 -9.40
N VAL A 114 -26.77 -16.51 -10.70
CA VAL A 114 -27.21 -17.78 -11.26
C VAL A 114 -26.06 -18.44 -12.00
N GLY A 115 -26.19 -19.75 -12.19
CA GLY A 115 -25.24 -20.52 -12.96
C GLY A 115 -25.88 -21.09 -14.21
N ILE A 116 -25.38 -20.70 -15.37
CA ILE A 116 -26.00 -21.02 -16.65
C ILE A 116 -25.13 -22.03 -17.38
N VAL A 117 -25.77 -23.08 -17.89
CA VAL A 117 -25.11 -24.09 -18.72
C VAL A 117 -25.74 -24.03 -20.09
N GLY A 118 -24.98 -23.61 -21.08
CA GLY A 118 -25.52 -23.50 -22.42
C GLY A 118 -24.46 -23.18 -23.45
N PHE A 119 -24.93 -22.69 -24.60
CA PHE A 119 -24.07 -22.42 -25.74
C PHE A 119 -24.20 -20.96 -26.18
N PRO A 120 -23.13 -20.38 -26.76
CA PRO A 120 -23.18 -18.98 -27.17
C PRO A 120 -24.00 -18.73 -28.42
N GLY A 121 -23.87 -17.55 -29.00
CA GLY A 121 -24.60 -17.18 -30.20
C GLY A 121 -25.19 -15.79 -30.13
N LYS A 122 -25.71 -15.30 -31.25
CA LYS A 122 -26.33 -13.99 -31.32
C LYS A 122 -27.84 -14.12 -31.33
N SER A 123 -28.52 -13.10 -30.80
CA SER A 123 -29.97 -13.12 -30.72
C SER A 123 -30.59 -12.91 -32.09
N LYS A 124 -31.92 -13.03 -32.14
CA LYS A 124 -32.63 -12.78 -33.39
C LYS A 124 -32.52 -11.31 -33.81
N LYS A 125 -32.53 -10.40 -32.84
CA LYS A 125 -32.38 -8.98 -33.14
C LYS A 125 -30.93 -8.58 -33.39
N GLY A 126 -29.97 -9.36 -32.90
CA GLY A 126 -28.57 -9.08 -33.15
C GLY A 126 -27.74 -8.87 -31.90
N GLU A 127 -28.27 -9.25 -30.75
CA GLU A 127 -27.55 -9.11 -29.48
C GLU A 127 -26.78 -10.38 -29.15
N LEU A 128 -25.60 -10.22 -28.59
CA LEU A 128 -24.83 -11.37 -28.12
C LEU A 128 -25.49 -11.94 -26.87
N SER A 129 -25.92 -13.19 -26.94
CA SER A 129 -26.69 -13.80 -25.86
C SER A 129 -26.13 -15.17 -25.53
N ILE A 130 -26.54 -15.67 -24.36
CA ILE A 130 -26.24 -17.02 -23.91
C ILE A 130 -27.53 -17.81 -23.87
N PHE A 131 -27.48 -19.06 -24.33
CA PHE A 131 -28.65 -19.91 -24.45
C PHE A 131 -28.62 -20.98 -23.36
N PRO A 132 -29.25 -20.76 -22.21
CA PRO A 132 -29.11 -21.70 -21.10
C PRO A 132 -29.92 -22.97 -21.33
N LYS A 133 -29.25 -24.12 -21.18
CA LYS A 133 -29.96 -25.39 -21.09
C LYS A 133 -30.57 -25.58 -19.71
N GLU A 134 -30.01 -24.93 -18.69
CA GLU A 134 -30.45 -25.04 -17.31
C GLU A 134 -29.79 -23.93 -16.50
N THR A 135 -30.58 -23.26 -15.66
CA THR A 135 -30.07 -22.22 -14.78
C THR A 135 -30.30 -22.64 -13.34
N ILE A 136 -29.27 -22.44 -12.50
CA ILE A 136 -29.32 -22.81 -11.09
C ILE A 136 -28.94 -21.59 -10.26
N LEU A 137 -29.76 -21.28 -9.25
CA LEU A 137 -29.49 -20.13 -8.39
C LEU A 137 -28.39 -20.47 -7.39
N LEU A 138 -27.37 -19.61 -7.32
CA LEU A 138 -26.28 -19.77 -6.37
C LEU A 138 -26.31 -18.76 -5.24
N SER A 139 -26.80 -17.55 -5.48
CA SER A 139 -26.86 -16.52 -4.45
C SER A 139 -28.04 -15.62 -4.77
N ALA A 140 -29.01 -15.56 -3.87
CA ALA A 140 -30.23 -14.80 -4.09
C ALA A 140 -30.12 -13.42 -3.48
N CYS A 141 -30.62 -12.42 -4.20
CA CYS A 141 -30.68 -11.04 -3.72
C CYS A 141 -32.04 -10.86 -3.04
N LEU A 142 -32.03 -10.85 -1.70
CA LEU A 142 -33.29 -10.79 -0.96
C LEU A 142 -33.93 -9.41 -1.06
N HIS A 143 -33.13 -8.36 -0.88
CA HIS A 143 -33.66 -7.01 -0.94
C HIS A 143 -33.97 -6.62 -2.39
N MET A 144 -34.85 -5.65 -2.54
CA MET A 144 -35.20 -5.12 -3.86
C MET A 144 -34.10 -4.18 -4.32
N LEU A 145 -33.54 -4.45 -5.50
CA LEU A 145 -32.49 -3.59 -6.03
C LEU A 145 -33.09 -2.29 -6.54
N PRO A 146 -32.51 -1.13 -6.20
CA PRO A 146 -33.07 0.15 -6.66
C PRO A 146 -33.07 0.27 -8.18
N MET A 147 -34.26 0.32 -8.77
CA MET A 147 -34.42 0.45 -10.21
C MET A 147 -33.80 1.75 -10.73
N GLY A 150 -30.77 6.83 -11.74
CA GLY A 150 -31.88 5.98 -11.34
C GLY A 150 -32.23 6.11 -9.87
N LEU A 151 -32.40 7.37 -9.42
CA LEU A 151 -32.74 7.67 -8.03
C LEU A 151 -31.74 7.05 -7.06
N LYS A 152 -30.45 7.22 -7.38
CA LYS A 152 -29.36 6.72 -6.55
C LYS A 152 -28.54 7.85 -5.94
N ASP A 153 -28.76 9.10 -6.36
CA ASP A 153 -27.94 10.23 -5.91
C ASP A 153 -28.24 10.63 -4.47
N THR A 154 -28.35 9.65 -3.58
CA THR A 154 -28.58 9.91 -2.16
C THR A 154 -27.27 9.74 -1.40
N GLU A 155 -27.36 9.47 -0.10
CA GLU A 155 -26.19 9.29 0.74
C GLU A 155 -25.91 7.83 1.06
N ILE A 156 -26.82 6.92 0.71
CA ILE A 156 -26.62 5.50 1.03
C ILE A 156 -25.52 4.89 0.15
N ARG A 157 -25.20 5.52 -0.97
CA ARG A 157 -24.15 4.99 -1.85
C ARG A 157 -22.77 5.03 -1.20
N TYR A 158 -22.59 5.87 -0.17
CA TYR A 158 -21.31 5.91 0.52
C TYR A 158 -21.22 4.84 1.60
N ARG A 159 -22.33 4.55 2.27
CA ARG A 159 -22.33 3.53 3.32
C ARG A 159 -22.41 2.13 2.73
N GLN A 160 -23.10 1.96 1.61
CA GLN A 160 -23.25 0.67 0.95
C GLN A 160 -22.71 0.80 -0.47
N ARG A 161 -21.39 0.64 -0.62
CA ARG A 161 -20.76 0.80 -1.92
C ARG A 161 -21.13 -0.32 -2.88
N TYR A 162 -21.44 -1.51 -2.36
CA TYR A 162 -21.78 -2.64 -3.22
C TYR A 162 -23.01 -2.37 -4.06
N LEU A 163 -23.97 -1.61 -3.52
CA LEU A 163 -25.13 -1.20 -4.32
C LEU A 163 -24.74 -0.17 -5.36
N ASP A 164 -23.79 0.72 -5.04
CA ASP A 164 -23.38 1.76 -5.96
C ASP A 164 -22.54 1.21 -7.10
N LEU A 165 -21.86 0.08 -6.88
CA LEU A 165 -21.02 -0.52 -7.91
C LEU A 165 -21.79 -1.43 -8.86
N LEU A 166 -22.97 -1.91 -8.45
CA LEU A 166 -23.79 -2.75 -9.31
C LEU A 166 -24.74 -1.94 -10.18
N ILE A 167 -25.41 -0.94 -9.60
CA ILE A 167 -26.39 -0.16 -10.33
C ILE A 167 -25.71 0.85 -11.25
N ASN A 168 -24.75 1.60 -10.71
CA ASN A 168 -24.07 2.65 -11.47
C ASN A 168 -22.84 2.05 -12.14
N GLU A 169 -22.93 1.82 -13.46
CA GLU A 169 -21.76 1.39 -14.21
C GLU A 169 -20.72 2.50 -14.35
N SER A 170 -21.07 3.75 -14.00
CA SER A 170 -20.13 4.85 -14.10
C SER A 170 -19.13 4.83 -12.94
N SER A 171 -19.58 4.47 -11.73
CA SER A 171 -18.69 4.49 -10.58
C SER A 171 -17.64 3.40 -10.67
N ARG A 172 -17.99 2.23 -11.21
CA ARG A 172 -16.97 1.21 -11.43
C ARG A 172 -15.90 1.70 -12.38
N HIS A 173 -16.26 2.54 -13.35
CA HIS A 173 -15.29 3.10 -14.28
C HIS A 173 -14.33 4.07 -13.59
N THR A 174 -14.74 4.66 -12.46
CA THR A 174 -13.87 5.59 -11.76
C THR A 174 -12.94 4.89 -10.77
N PHE A 175 -13.43 3.85 -10.09
CA PHE A 175 -12.58 3.11 -9.18
C PHE A 175 -11.61 2.20 -9.90
N VAL A 176 -11.90 1.83 -11.15
CA VAL A 176 -10.94 1.05 -11.92
C VAL A 176 -9.80 1.92 -12.42
N THR A 177 -10.06 3.22 -12.61
CA THR A 177 -8.99 4.13 -13.01
C THR A 177 -8.14 4.55 -11.81
N ARG A 178 -8.74 4.61 -10.62
CA ARG A 178 -7.96 4.91 -9.42
C ARG A 178 -6.88 3.86 -9.20
N THR A 179 -7.20 2.59 -9.47
CA THR A 179 -6.19 1.54 -9.41
C THR A 179 -5.18 1.69 -10.54
N LYS A 180 -5.65 1.99 -11.76
CA LYS A 180 -4.74 2.19 -12.88
C LYS A 180 -3.80 3.37 -12.65
N ILE A 181 -4.28 4.40 -11.95
CA ILE A 181 -3.41 5.53 -11.62
C ILE A 181 -2.30 5.08 -10.67
N ILE A 182 -2.65 4.36 -9.62
CA ILE A 182 -1.64 3.87 -8.68
C ILE A 182 -0.71 2.88 -9.37
N ASN A 183 -1.27 2.00 -10.20
CA ASN A 183 -0.45 1.08 -10.99
C ASN A 183 0.52 1.85 -11.88
N PHE A 184 0.05 2.96 -12.47
CA PHE A 184 0.92 3.78 -13.28
C PHE A 184 1.98 4.47 -12.43
N LEU A 185 1.60 4.94 -11.25
CA LEU A 185 2.54 5.65 -10.39
C LEU A 185 3.62 4.72 -9.86
N ARG A 186 3.23 3.53 -9.41
CA ARG A 186 4.22 2.58 -8.89
C ARG A 186 5.20 2.17 -9.98
N ASN A 187 4.69 1.87 -11.17
CA ASN A 187 5.57 1.51 -12.29
C ASN A 187 6.42 2.71 -12.73
N PHE A 188 5.87 3.92 -12.64
CA PHE A 188 6.63 5.11 -13.03
C PHE A 188 7.87 5.27 -12.17
N LEU A 189 7.71 5.13 -10.85
CA LEU A 189 8.86 5.27 -9.96
C LEU A 189 9.76 4.04 -10.00
N ASN A 190 9.19 2.85 -10.08
CA ASN A 190 10.01 1.64 -10.14
C ASN A 190 10.87 1.63 -11.39
N GLU A 191 10.34 2.11 -12.52
CA GLU A 191 11.12 2.21 -13.75
C GLU A 191 12.21 3.26 -13.68
N ARG A 192 12.20 4.11 -12.65
CA ARG A 192 13.24 5.11 -12.45
C ARG A 192 14.15 4.75 -11.28
N GLY A 193 14.26 3.46 -10.97
CA GLY A 193 15.15 2.99 -9.93
C GLY A 193 14.70 3.25 -8.52
N PHE A 194 13.47 3.67 -8.30
CA PHE A 194 12.99 3.94 -6.96
C PHE A 194 12.66 2.65 -6.23
N PHE A 195 12.78 2.70 -4.90
CA PHE A 195 12.69 1.52 -4.03
C PHE A 195 11.58 1.75 -3.02
N GLU A 196 10.46 1.06 -3.19
CA GLU A 196 9.33 1.21 -2.28
C GLU A 196 9.65 0.57 -0.93
N VAL A 197 9.13 1.19 0.13
CA VAL A 197 9.37 0.73 1.49
C VAL A 197 8.08 0.75 2.30
N GLU A 198 8.19 0.66 3.63
CA GLU A 198 7.04 0.69 4.52
C GLU A 198 7.47 1.31 5.83
N THR A 199 6.96 2.51 6.11
CA THR A 199 7.24 3.17 7.37
C THR A 199 6.13 2.88 8.38
N PRO A 200 6.43 2.86 9.68
CA PRO A 200 5.40 2.56 10.67
C PRO A 200 4.36 3.67 10.75
N MET A 201 3.09 3.28 10.75
CA MET A 201 2.01 4.25 10.86
C MET A 201 1.75 4.70 12.29
N MET A 202 2.34 4.02 13.27
CA MET A 202 2.19 4.38 14.69
C MET A 202 3.55 4.87 15.17
N ASN A 203 3.69 6.19 15.30
CA ASN A 203 4.94 6.80 15.72
C ASN A 203 4.80 7.36 17.13
N LEU A 204 5.95 7.63 17.76
CA LEU A 204 5.96 8.25 19.06
C LEU A 204 5.59 9.73 18.99
N ILE A 205 5.66 10.32 17.80
CA ILE A 205 5.28 11.72 17.60
C ILE A 205 4.84 11.88 16.15
N ALA A 206 3.87 12.77 15.94
CA ALA A 206 3.36 13.04 14.60
C ALA A 206 4.15 14.19 13.99
N GLY A 207 4.85 13.91 12.90
CA GLY A 207 5.65 14.92 12.23
C GLY A 207 5.62 14.72 10.72
N GLY A 208 5.99 15.78 10.01
CA GLY A 208 6.04 15.78 8.56
C GLY A 208 5.04 16.70 7.90
N ALA A 209 4.07 17.22 8.64
CA ALA A 209 3.06 18.12 8.07
C ALA A 209 2.59 19.06 9.17
N ASN A 210 1.41 19.66 8.97
CA ASN A 210 0.82 20.61 9.92
C ASN A 210 -0.67 20.29 10.06
N ALA A 211 -0.97 19.31 10.90
CA ALA A 211 -2.35 18.90 11.12
C ALA A 211 -2.46 18.22 12.48
N ARG A 212 -3.68 18.19 13.00
CA ARG A 212 -3.92 17.53 14.28
C ARG A 212 -3.95 16.02 14.09
N PRO A 213 -3.18 15.26 14.85
CA PRO A 213 -3.13 13.81 14.66
C PRO A 213 -4.08 13.05 15.57
N PHE A 214 -4.49 11.87 15.07
CA PHE A 214 -5.20 10.92 15.91
C PHE A 214 -4.23 10.29 16.90
N ILE A 215 -4.74 9.99 18.11
CA ILE A 215 -3.92 9.47 19.18
C ILE A 215 -4.62 8.24 19.77
N THR A 216 -3.92 7.12 19.79
CA THR A 216 -4.40 5.87 20.37
C THR A 216 -3.50 5.47 21.53
N HIS A 217 -3.76 4.30 22.10
CA HIS A 217 -3.03 3.82 23.25
C HIS A 217 -2.76 2.33 23.10
N HIS A 218 -1.50 1.93 23.33
CA HIS A 218 -1.12 0.53 23.30
C HIS A 218 -1.28 -0.07 24.70
N ASN A 219 -1.84 -1.27 24.76
CA ASN A 219 -2.18 -1.90 26.03
C ASN A 219 -1.02 -2.68 26.66
N ASP A 220 0.05 -2.92 25.91
CA ASP A 220 1.19 -3.65 26.47
C ASP A 220 2.26 -2.73 27.01
N LEU A 221 2.50 -1.58 26.36
CA LEU A 221 3.46 -0.61 26.84
C LEU A 221 2.83 0.56 27.58
N ASP A 222 1.51 0.75 27.45
CA ASP A 222 0.75 1.72 28.24
C ASP A 222 1.27 3.15 28.04
N LEU A 223 1.47 3.52 26.78
CA LEU A 223 1.82 4.89 26.41
C LEU A 223 1.07 5.24 25.13
N ASP A 224 0.69 6.52 25.02
CA ASP A 224 -0.14 6.97 23.91
C ASP A 224 0.73 7.23 22.68
N LEU A 225 0.28 6.72 21.54
CA LEU A 225 0.98 6.87 20.26
C LEU A 225 0.18 7.77 19.33
N TYR A 226 0.86 8.27 18.30
CA TYR A 226 0.28 9.21 17.34
C TYR A 226 0.27 8.59 15.96
N LEU A 227 -0.89 8.60 15.31
CA LEU A 227 -0.99 8.13 13.94
C LEU A 227 -0.37 9.15 12.99
N ARG A 228 0.41 8.67 12.03
CA ARG A 228 1.20 9.56 11.20
C ARG A 228 0.33 10.49 10.37
N ILE A 229 0.77 11.73 10.25
CA ILE A 229 0.15 12.68 9.32
C ILE A 229 0.89 12.74 7.99
N ALA A 230 2.13 12.28 7.94
CA ALA A 230 2.92 12.27 6.71
C ALA A 230 4.11 11.35 6.91
N THR A 231 4.50 10.65 5.85
CA THR A 231 5.66 9.78 5.85
C THR A 231 6.96 10.54 5.61
N GLU A 232 6.98 11.85 5.87
CA GLU A 232 8.12 12.68 5.48
C GLU A 232 9.36 12.32 6.26
N LEU A 233 9.27 12.30 7.61
CA LEU A 233 10.46 12.06 8.41
C LEU A 233 10.99 10.64 8.27
N PRO A 234 10.18 9.57 8.38
CA PRO A 234 10.76 8.22 8.26
C PRO A 234 11.31 7.90 6.88
N LEU A 235 10.94 8.65 5.84
CA LEU A 235 11.41 8.34 4.51
C LEU A 235 12.82 8.89 4.27
N LYS A 236 13.04 10.17 4.57
CA LYS A 236 14.36 10.76 4.36
C LYS A 236 15.40 10.17 5.31
N MET A 237 14.98 9.57 6.42
CA MET A 237 15.92 8.83 7.25
C MET A 237 16.48 7.62 6.51
N LEU A 238 15.72 7.07 5.56
CA LEU A 238 16.25 5.99 4.73
C LEU A 238 17.22 6.53 3.69
N ILE A 239 17.08 7.79 3.29
CA ILE A 239 18.05 8.41 2.39
C ILE A 239 19.42 8.45 3.07
N VAL A 240 19.44 8.76 4.38
CA VAL A 240 20.67 8.70 5.14
C VAL A 240 21.20 7.28 5.22
N GLY A 241 20.34 6.28 5.05
CA GLY A 241 20.74 4.89 5.15
C GLY A 241 21.33 4.29 3.90
N GLY A 242 21.27 5.00 2.77
CA GLY A 242 21.84 4.54 1.52
C GLY A 242 20.84 4.36 0.39
N ILE A 243 19.54 4.40 0.67
CA ILE A 243 18.54 4.28 -0.38
C ILE A 243 18.34 5.64 -1.03
N ASP A 244 19.09 5.88 -2.13
CA ASP A 244 19.06 7.18 -2.78
C ASP A 244 17.75 7.45 -3.51
N LYS A 245 16.95 6.42 -3.77
CA LYS A 245 15.65 6.58 -4.41
C LYS A 245 14.65 5.71 -3.65
N VAL A 246 13.82 6.34 -2.83
CA VAL A 246 12.92 5.63 -1.93
C VAL A 246 11.55 6.30 -1.98
N TYR A 247 10.50 5.50 -1.91
CA TYR A 247 9.14 6.02 -1.87
C TYR A 247 8.25 5.06 -1.10
N GLU A 248 7.02 5.51 -0.83
CA GLU A 248 6.06 4.69 -0.11
C GLU A 248 4.66 5.16 -0.45
N ILE A 249 3.93 4.35 -1.21
CA ILE A 249 2.52 4.60 -1.47
C ILE A 249 1.74 4.02 -0.29
N GLY A 250 1.11 4.88 0.49
CA GLY A 250 0.42 4.43 1.68
C GLY A 250 -0.65 5.40 2.11
N LYS A 251 -1.06 5.26 3.38
CA LYS A 251 -2.14 6.05 3.95
C LYS A 251 -1.64 6.82 5.14
N VAL A 252 -2.20 8.01 5.34
CA VAL A 252 -1.90 8.85 6.50
C VAL A 252 -3.22 9.21 7.18
N PHE A 253 -3.11 9.83 8.35
CA PHE A 253 -4.27 10.15 9.17
C PHE A 253 -4.12 11.56 9.72
N ARG A 254 -5.08 12.43 9.40
CA ARG A 254 -5.09 13.81 9.88
C ARG A 254 -6.47 14.09 10.48
N ASN A 255 -6.50 14.44 11.77
CA ASN A 255 -7.75 14.68 12.48
C ASN A 255 -8.14 16.14 12.29
N GLU A 256 -9.02 16.40 11.32
CA GLU A 256 -9.51 17.74 11.06
C GLU A 256 -10.85 17.64 10.35
N GLY A 257 -11.22 18.69 9.61
CA GLY A 257 -12.53 18.77 9.02
C GLY A 257 -12.76 17.76 7.91
N ILE A 258 -14.03 17.59 7.56
CA ILE A 258 -14.46 16.66 6.52
C ILE A 258 -15.30 17.47 5.54
N ASP A 259 -14.70 17.85 4.41
CA ASP A 259 -15.43 18.54 3.36
C ASP A 259 -15.32 17.77 2.05
N ASN A 260 -15.64 18.44 0.93
CA ASN A 260 -15.60 17.76 -0.37
C ASN A 260 -14.18 17.41 -0.80
N THR A 261 -13.16 18.01 -0.19
CA THR A 261 -11.78 17.74 -0.56
C THR A 261 -10.91 17.39 0.65
N HIS A 262 -11.53 16.89 1.73
CA HIS A 262 -10.79 16.51 2.93
C HIS A 262 -11.44 15.29 3.55
N ASN A 263 -10.62 14.29 3.89
CA ASN A 263 -11.04 13.06 4.53
C ASN A 263 -10.11 12.77 5.69
N PRO A 264 -10.63 12.26 6.82
CA PRO A 264 -9.75 11.96 7.97
C PRO A 264 -8.58 11.07 7.62
N GLU A 265 -8.73 10.16 6.66
CA GLU A 265 -7.62 9.33 6.19
C GLU A 265 -7.65 9.29 4.68
N PHE A 266 -6.48 9.49 4.05
CA PHE A 266 -6.38 9.50 2.61
C PHE A 266 -5.06 8.88 2.17
N THR A 267 -5.01 8.48 0.91
CA THR A 267 -3.84 7.84 0.33
C THR A 267 -2.90 8.89 -0.25
N SER A 268 -1.61 8.77 0.07
CA SER A 268 -0.61 9.70 -0.43
C SER A 268 0.67 8.93 -0.74
N CYS A 269 1.38 9.39 -1.76
CA CYS A 269 2.67 8.84 -2.15
C CYS A 269 3.73 9.93 -2.05
N GLU A 270 4.87 9.57 -1.47
CA GLU A 270 6.00 10.49 -1.33
C GLU A 270 7.27 9.76 -1.75
N PHE A 271 7.98 10.31 -2.74
CA PHE A 271 9.27 9.81 -3.15
C PHE A 271 10.36 10.83 -2.83
N TYR A 272 11.55 10.34 -2.53
CA TYR A 272 12.68 11.19 -2.16
C TYR A 272 13.85 10.87 -3.09
N TRP A 273 14.25 11.86 -3.87
CA TRP A 273 15.23 11.72 -4.93
C TRP A 273 16.55 12.33 -4.47
N ALA A 274 17.57 11.50 -4.32
CA ALA A 274 18.87 11.98 -3.88
C ALA A 274 19.60 12.67 -5.02
N TYR A 275 20.33 13.74 -4.67
CA TYR A 275 21.12 14.52 -5.63
C TYR A 275 20.24 15.14 -6.71
N ALA A 276 18.99 15.41 -6.37
CA ALA A 276 18.05 16.10 -7.24
C ALA A 276 17.60 17.38 -6.57
N ASP A 277 17.41 18.44 -7.37
CA ASP A 277 17.11 19.76 -6.85
C ASP A 277 15.68 20.16 -7.18
N TYR A 278 15.39 21.46 -7.07
CA TYR A 278 14.04 21.97 -7.33
C TYR A 278 13.68 21.83 -8.79
N ASN A 279 14.65 22.05 -9.69
CA ASN A 279 14.38 21.92 -11.12
C ASN A 279 14.11 20.48 -11.52
N ASP A 280 14.72 19.53 -10.83
CA ASP A 280 14.46 18.12 -11.13
C ASP A 280 13.08 17.70 -10.66
N LEU A 281 12.57 18.30 -9.60
CA LEU A 281 11.23 17.98 -9.13
C LEU A 281 10.15 18.59 -10.00
N ILE A 282 10.42 19.76 -10.59
CA ILE A 282 9.46 20.37 -11.51
C ILE A 282 9.35 19.55 -12.78
N LYS A 283 10.48 19.08 -13.30
CA LYS A 283 10.47 18.26 -14.51
C LYS A 283 9.77 16.93 -14.27
N TRP A 284 9.93 16.37 -13.07
CA TRP A 284 9.31 15.09 -12.76
C TRP A 284 7.79 15.20 -12.76
N SER A 285 7.25 16.22 -12.09
CA SER A 285 5.80 16.36 -11.99
C SER A 285 5.18 16.71 -13.33
N GLU A 286 5.85 17.55 -14.12
CA GLU A 286 5.35 17.84 -15.46
C GLU A 286 5.35 16.59 -16.32
N ASP A 287 6.38 15.75 -16.20
CA ASP A 287 6.43 14.52 -16.98
C ASP A 287 5.43 13.49 -16.47
N PHE A 288 5.33 13.35 -15.14
CA PHE A 288 4.44 12.32 -14.59
C PHE A 288 2.97 12.62 -14.90
N PHE A 289 2.55 13.88 -14.74
CA PHE A 289 1.15 14.22 -14.93
C PHE A 289 0.75 14.13 -16.40
N SER A 290 1.62 14.58 -17.31
CA SER A 290 1.30 14.53 -18.73
C SER A 290 1.24 13.09 -19.23
N GLN A 291 2.16 12.24 -18.77
CA GLN A 291 2.16 10.85 -19.22
C GLN A 291 1.02 10.05 -18.59
N LEU A 292 0.61 10.41 -17.37
CA LEU A 292 -0.51 9.72 -16.75
C LEU A 292 -1.82 10.05 -17.45
N VAL A 293 -2.05 11.34 -17.73
CA VAL A 293 -3.27 11.75 -18.42
C VAL A 293 -3.33 11.14 -19.81
N TYR A 294 -2.20 11.15 -20.53
CA TYR A 294 -2.19 10.57 -21.88
C TYR A 294 -2.36 9.06 -21.84
N HIS A 295 -1.87 8.40 -20.78
CA HIS A 295 -2.01 6.96 -20.68
C HIS A 295 -3.46 6.54 -20.47
N LEU A 296 -4.24 7.37 -19.78
CA LEU A 296 -5.62 7.02 -19.46
C LEU A 296 -6.60 7.40 -20.55
N PHE A 297 -6.38 8.50 -21.26
CA PHE A 297 -7.34 9.02 -22.22
C PHE A 297 -6.84 9.04 -23.66
N GLY A 298 -5.54 9.25 -23.89
CA GLY A 298 -5.01 9.41 -25.23
C GLY A 298 -4.82 10.83 -25.67
N THR A 299 -5.03 11.81 -24.80
CA THR A 299 -4.82 13.21 -25.10
C THR A 299 -4.48 13.94 -23.81
N TYR A 300 -3.83 15.10 -23.96
CA TYR A 300 -3.43 15.87 -22.79
C TYR A 300 -4.56 16.73 -22.24
N LYS A 301 -5.58 17.01 -23.04
CA LYS A 301 -6.71 17.82 -22.61
C LYS A 301 -7.83 16.92 -22.10
N ILE A 302 -8.47 17.35 -21.02
CA ILE A 302 -9.61 16.64 -20.45
C ILE A 302 -10.71 17.65 -20.12
N SER A 303 -11.87 17.13 -19.77
CA SER A 303 -13.01 17.95 -19.37
C SER A 303 -13.39 17.60 -17.93
N TYR A 304 -13.89 18.60 -17.20
CA TYR A 304 -14.16 18.45 -15.78
C TYR A 304 -15.27 19.41 -15.38
N ASN A 305 -16.27 18.89 -14.68
CA ASN A 305 -17.39 19.69 -14.19
C ASN A 305 -17.00 20.25 -12.83
N LYS A 306 -16.36 21.43 -12.85
CA LYS A 306 -15.88 22.05 -11.62
C LYS A 306 -17.05 22.51 -10.75
N ASP A 307 -17.98 23.25 -11.33
CA ASP A 307 -19.11 23.81 -10.59
C ASP A 307 -20.19 22.77 -10.29
N GLY A 308 -20.07 21.55 -10.80
CA GLY A 308 -21.06 20.53 -10.55
C GLY A 308 -21.50 19.84 -11.82
N PRO A 309 -22.20 18.70 -11.69
CA PRO A 309 -22.61 17.95 -12.88
C PRO A 309 -23.66 18.67 -13.72
N GLU A 310 -24.40 19.62 -13.14
CA GLU A 310 -25.41 20.35 -13.90
C GLU A 310 -24.84 21.58 -14.61
N ASN A 311 -23.86 22.24 -14.01
CA ASN A 311 -23.26 23.42 -14.62
C ASN A 311 -22.37 23.00 -15.80
N GLN A 312 -21.81 24.01 -16.46
CA GLN A 312 -20.96 23.76 -17.62
C GLN A 312 -19.57 23.31 -17.17
N PRO A 313 -18.99 22.30 -17.82
CA PRO A 313 -17.64 21.86 -17.45
C PRO A 313 -16.56 22.71 -18.08
N ILE A 314 -15.45 22.83 -17.36
CA ILE A 314 -14.27 23.52 -17.86
C ILE A 314 -13.28 22.46 -18.34
N GLU A 315 -12.32 22.89 -19.15
CA GLU A 315 -11.31 22.01 -19.70
C GLU A 315 -9.98 22.19 -18.98
N ILE A 316 -9.23 21.09 -18.87
CA ILE A 316 -7.91 21.09 -18.26
C ILE A 316 -6.91 20.59 -19.29
N ASP A 317 -5.89 21.39 -19.57
CA ASP A 317 -4.85 21.05 -20.53
C ASP A 317 -3.60 20.63 -19.78
N PHE A 318 -3.23 19.36 -19.88
CA PHE A 318 -2.07 18.81 -19.18
C PHE A 318 -0.81 18.81 -20.04
N THR A 319 -0.77 19.62 -21.09
CA THR A 319 0.41 19.69 -21.94
C THR A 319 1.51 20.46 -21.22
N PRO A 320 2.66 19.87 -20.97
CA PRO A 320 3.76 20.60 -20.31
C PRO A 320 4.42 21.56 -21.27
N PRO A 321 5.07 22.62 -20.76
CA PRO A 321 5.22 22.93 -19.34
C PRO A 321 4.01 23.62 -18.74
N TYR A 322 3.99 23.70 -17.42
CA TYR A 322 2.90 24.30 -16.67
C TYR A 322 3.36 25.61 -16.06
N PRO A 323 2.45 26.57 -15.87
CA PRO A 323 2.86 27.88 -15.34
C PRO A 323 3.38 27.78 -13.91
N LYS A 324 4.41 28.57 -13.63
CA LYS A 324 4.99 28.67 -12.30
C LYS A 324 4.91 30.12 -11.83
N VAL A 325 4.42 30.32 -10.61
CA VAL A 325 4.29 31.65 -10.03
C VAL A 325 4.82 31.64 -8.61
N SER A 326 5.60 32.66 -8.26
CA SER A 326 6.08 32.84 -6.89
C SER A 326 4.95 33.38 -6.02
N ILE A 327 4.80 32.80 -4.83
CA ILE A 327 3.68 33.15 -3.98
C ILE A 327 3.83 34.57 -3.42
N VAL A 328 5.05 34.92 -3.00
CA VAL A 328 5.26 36.25 -2.43
C VAL A 328 5.21 37.33 -3.51
N GLU A 329 5.65 37.00 -4.72
CA GLU A 329 5.71 38.01 -5.78
C GLU A 329 4.33 38.33 -6.34
N GLU A 330 3.52 37.31 -6.63
CA GLU A 330 2.24 37.55 -7.26
C GLU A 330 1.24 38.19 -6.30
N ILE A 331 1.31 37.82 -5.02
CA ILE A 331 0.44 38.45 -4.02
C ILE A 331 0.69 39.96 -3.97
N GLU A 332 1.97 40.35 -4.01
CA GLU A 332 2.30 41.77 -3.98
C GLU A 332 1.82 42.49 -5.23
N LYS A 333 1.78 41.80 -6.37
CA LYS A 333 1.37 42.45 -7.61
C LYS A 333 -0.15 42.60 -7.71
N VAL A 334 -0.91 41.64 -7.17
CA VAL A 334 -2.36 41.69 -7.32
C VAL A 334 -3.00 42.61 -6.28
N THR A 335 -2.36 42.80 -5.14
CA THR A 335 -2.89 43.68 -4.11
C THR A 335 -2.18 45.03 -4.06
N ASN A 336 -1.12 45.22 -4.85
CA ASN A 336 -0.37 46.48 -4.91
C ASN A 336 0.16 46.88 -3.53
N THR A 337 0.69 45.90 -2.80
CA THR A 337 1.31 46.15 -1.50
C THR A 337 2.66 45.44 -1.46
N ILE A 338 3.51 45.88 -0.55
CA ILE A 338 4.84 45.31 -0.36
C ILE A 338 4.90 44.71 1.04
N LEU A 339 5.12 43.40 1.12
CA LEU A 339 5.20 42.68 2.39
C LEU A 339 6.67 42.47 2.70
N GLU A 340 7.27 43.42 3.41
CA GLU A 340 8.67 43.33 3.78
C GLU A 340 8.88 42.22 4.80
N GLN A 341 10.11 41.69 4.83
CA GLN A 341 10.48 40.66 5.78
C GLN A 341 10.99 41.28 7.08
N PRO A 342 10.80 40.62 8.23
CA PRO A 342 10.16 39.31 8.44
C PRO A 342 8.66 39.32 8.19
N PHE A 343 8.12 38.21 7.71
CA PHE A 343 6.69 38.13 7.42
C PHE A 343 5.85 38.05 8.69
N ASP A 344 6.43 37.60 9.81
CA ASP A 344 5.73 37.55 11.08
C ASP A 344 5.93 38.81 11.91
N SER A 345 6.51 39.86 11.33
CA SER A 345 6.64 41.12 12.03
C SER A 345 5.27 41.78 12.21
N ASN A 346 5.15 42.62 13.23
CA ASN A 346 3.88 43.27 13.50
C ASN A 346 3.44 44.14 12.33
N GLU A 347 4.38 44.70 11.59
CA GLU A 347 4.04 45.58 10.47
C GLU A 347 3.55 44.78 9.27
N THR A 348 4.17 43.64 8.98
CA THR A 348 3.75 42.82 7.85
C THR A 348 2.48 42.05 8.17
N ILE A 349 2.37 41.52 9.38
CA ILE A 349 1.15 40.83 9.80
C ILE A 349 -0.05 41.75 9.68
N GLU A 350 0.10 43.01 10.11
CA GLU A 350 -0.99 43.97 10.03
C GLU A 350 -1.43 44.17 8.58
N LYS A 351 -0.47 44.30 7.66
CA LYS A 351 -0.82 44.49 6.25
C LYS A 351 -1.58 43.29 5.71
N MET A 352 -1.17 42.08 6.07
CA MET A 352 -1.88 40.89 5.60
C MET A 352 -3.25 40.76 6.26
N ILE A 353 -3.39 41.25 7.50
CA ILE A 353 -4.68 41.23 8.16
C ILE A 353 -5.67 42.14 7.44
N ASN A 354 -5.22 43.34 7.06
CA ASN A 354 -6.12 44.32 6.48
C ASN A 354 -6.47 43.98 5.03
N ILE A 355 -5.49 43.53 4.24
CA ILE A 355 -5.71 43.31 2.81
C ILE A 355 -6.82 42.29 2.59
N ILE A 356 -6.87 41.24 3.41
CA ILE A 356 -7.90 40.22 3.22
C ILE A 356 -9.27 40.76 3.60
N LYS A 357 -9.33 41.77 4.49
CA LYS A 357 -10.60 42.38 4.85
C LYS A 357 -11.01 43.52 3.93
N GLU A 358 -10.06 44.14 3.23
CA GLU A 358 -10.42 45.06 2.17
C GLU A 358 -11.17 44.37 1.05
N HIS A 359 -10.82 43.11 0.78
CA HIS A 359 -11.49 42.30 -0.22
C HIS A 359 -12.47 41.31 0.38
N LYS A 360 -12.78 41.45 1.68
CA LYS A 360 -13.80 40.66 2.37
C LYS A 360 -13.49 39.16 2.31
N ILE A 361 -12.49 38.78 3.11
CA ILE A 361 -12.06 37.39 3.26
C ILE A 361 -11.96 37.09 4.75
N GLU A 362 -12.40 35.89 5.13
CA GLU A 362 -12.41 35.52 6.54
C GLU A 362 -10.99 35.43 7.09
N LEU A 363 -10.88 35.56 8.41
CA LEU A 363 -9.60 35.54 9.09
C LEU A 363 -9.29 34.13 9.55
N PRO A 364 -8.30 33.44 8.97
CA PRO A 364 -7.96 32.09 9.44
C PRO A 364 -7.22 32.12 10.78
N ASN A 365 -7.95 31.86 11.85
CA ASN A 365 -7.32 31.86 13.17
C ASN A 365 -6.46 30.60 13.34
N PRO A 366 -5.30 30.72 13.99
CA PRO A 366 -4.77 31.97 14.54
C PRO A 366 -4.09 32.85 13.49
N PRO A 367 -4.31 34.17 13.55
CA PRO A 367 -3.68 35.07 12.59
C PRO A 367 -2.15 35.06 12.69
N THR A 368 -1.52 34.06 12.09
CA THR A 368 -0.08 33.91 12.10
C THR A 368 0.48 34.24 10.72
N ALA A 369 1.81 34.15 10.60
CA ALA A 369 2.46 34.48 9.33
C ALA A 369 2.13 33.45 8.26
N ALA A 370 2.20 32.16 8.61
CA ALA A 370 1.94 31.12 7.62
C ALA A 370 0.46 31.04 7.25
N LYS A 371 -0.42 31.21 8.23
CA LYS A 371 -1.85 31.12 7.96
C LYS A 371 -2.32 32.30 7.10
N LEU A 372 -1.77 33.49 7.35
CA LEU A 372 -2.16 34.64 6.55
C LEU A 372 -1.67 34.51 5.11
N LEU A 373 -0.45 34.01 4.93
CA LEU A 373 0.08 33.82 3.58
C LEU A 373 -0.65 32.70 2.86
N ASP A 374 -1.00 31.63 3.58
CA ASP A 374 -1.72 30.52 2.96
C ASP A 374 -3.10 30.96 2.48
N GLN A 375 -3.80 31.75 3.30
CA GLN A 375 -5.11 32.25 2.88
C GLN A 375 -4.99 33.28 1.77
N LEU A 376 -3.94 34.11 1.81
CA LEU A 376 -3.72 35.10 0.78
C LEU A 376 -3.40 34.47 -0.57
N ALA A 377 -2.90 33.23 -0.58
CA ALA A 377 -2.57 32.56 -1.82
C ALA A 377 -3.75 31.79 -2.41
N SER A 378 -4.67 31.33 -1.56
CA SER A 378 -5.81 30.57 -2.06
C SER A 378 -6.87 31.45 -2.69
N HIS A 379 -7.02 32.68 -2.20
CA HIS A 379 -8.05 33.60 -2.69
C HIS A 379 -7.49 34.64 -3.66
N PHE A 380 -6.23 34.52 -4.05
CA PHE A 380 -5.62 35.45 -4.99
C PHE A 380 -4.77 34.81 -6.07
N ILE A 381 -4.37 33.54 -5.93
CA ILE A 381 -3.53 32.86 -6.91
C ILE A 381 -4.22 31.62 -7.47
N GLU A 382 -4.80 30.80 -6.58
CA GLU A 382 -5.34 29.51 -7.00
C GLU A 382 -6.64 29.63 -7.79
N ASN A 383 -7.33 30.77 -7.71
CA ASN A 383 -8.63 30.94 -8.35
C ASN A 383 -8.55 31.80 -9.61
N LYS A 384 -7.36 32.02 -10.14
CA LYS A 384 -7.19 32.88 -11.30
C LYS A 384 -6.92 32.13 -12.59
N TYR A 385 -6.40 30.92 -12.52
CA TYR A 385 -6.14 30.11 -13.70
C TYR A 385 -6.68 28.70 -13.47
N ASN A 386 -7.55 28.25 -14.38
CA ASN A 386 -8.15 26.92 -14.27
C ASN A 386 -7.95 26.06 -15.52
N ASP A 387 -7.40 26.62 -16.61
CA ASP A 387 -7.31 25.87 -17.85
C ASP A 387 -6.18 24.85 -17.85
N LYS A 388 -5.14 25.08 -17.05
CA LYS A 388 -4.00 24.19 -16.97
C LYS A 388 -3.55 24.08 -15.53
N PRO A 389 -2.93 22.96 -15.14
CA PRO A 389 -2.29 22.91 -13.82
C PRO A 389 -1.15 23.91 -13.76
N PHE A 390 -0.97 24.50 -12.58
CA PHE A 390 0.05 25.54 -12.41
C PHE A 390 0.77 25.33 -11.10
N PHE A 391 2.02 25.78 -11.05
CA PHE A 391 2.87 25.64 -9.87
C PHE A 391 2.92 26.95 -9.11
N ILE A 392 2.75 26.87 -7.79
CA ILE A 392 2.99 27.98 -6.89
C ILE A 392 4.31 27.69 -6.17
N VAL A 393 5.32 28.51 -6.43
CA VAL A 393 6.70 28.18 -6.06
C VAL A 393 7.25 29.26 -5.12
N GLU A 394 8.42 28.95 -4.57
CA GLU A 394 9.23 29.89 -3.77
C GLU A 394 8.45 30.44 -2.58
N HIS A 395 8.20 29.53 -1.61
CA HIS A 395 7.51 29.85 -0.38
C HIS A 395 8.50 30.35 0.67
N PRO A 396 8.06 31.24 1.56
CA PRO A 396 8.93 31.68 2.65
C PRO A 396 9.29 30.53 3.59
N GLN A 397 10.39 30.72 4.32
CA GLN A 397 10.81 29.71 5.27
C GLN A 397 9.86 29.58 6.44
N ILE A 398 9.07 30.63 6.72
CA ILE A 398 8.10 30.58 7.81
C ILE A 398 6.94 29.65 7.48
N MET A 399 6.69 29.40 6.19
CA MET A 399 5.65 28.47 5.77
C MET A 399 6.15 27.04 5.63
N SER A 400 7.47 26.82 5.65
CA SER A 400 8.05 25.51 5.38
C SER A 400 9.18 25.24 6.37
N PRO A 401 8.92 24.48 7.43
CA PRO A 401 9.98 24.22 8.42
C PRO A 401 11.00 23.19 7.95
N LEU A 402 10.71 22.42 6.91
CA LEU A 402 11.59 21.35 6.46
C LEU A 402 12.12 21.57 5.05
N ALA A 403 11.94 22.76 4.48
CA ALA A 403 12.40 23.06 3.13
C ALA A 403 13.72 23.80 3.19
N LYS A 404 14.61 23.49 2.25
CA LYS A 404 15.90 24.16 2.19
C LYS A 404 15.72 25.60 1.74
N TYR A 405 16.52 26.50 2.34
CA TYR A 405 16.45 27.91 1.99
C TYR A 405 16.76 28.10 0.50
N HIS A 406 16.14 29.12 -0.09
CA HIS A 406 16.33 29.39 -1.51
C HIS A 406 17.77 29.75 -1.79
N ARG A 407 18.35 29.12 -2.81
CA ARG A 407 19.75 29.32 -3.13
C ARG A 407 20.08 30.73 -3.59
N THR A 408 19.07 31.54 -3.91
CA THR A 408 19.34 32.86 -4.48
C THR A 408 18.47 33.94 -3.86
N LYS A 409 17.27 33.58 -3.41
CA LYS A 409 16.35 34.56 -2.84
C LYS A 409 16.29 34.39 -1.33
N PRO A 410 16.87 35.30 -0.54
CA PRO A 410 16.85 35.13 0.92
C PRO A 410 15.44 35.25 1.47
N GLY A 411 15.20 34.49 2.53
CA GLY A 411 13.91 34.47 3.20
C GLY A 411 12.90 33.50 2.62
N LEU A 412 13.20 32.89 1.48
CA LEU A 412 12.30 31.96 0.82
C LEU A 412 12.95 30.58 0.76
N THR A 413 12.19 29.61 0.24
CA THR A 413 12.65 28.26 0.05
C THR A 413 12.41 27.83 -1.39
N GLU A 414 12.93 26.65 -1.74
CA GLU A 414 12.75 26.09 -3.08
C GLU A 414 11.56 25.15 -3.13
N ARG A 415 10.40 25.67 -2.71
CA ARG A 415 9.17 24.89 -2.63
C ARG A 415 8.38 25.03 -3.92
N LEU A 416 7.56 24.01 -4.21
CA LEU A 416 6.71 24.02 -5.39
C LEU A 416 5.41 23.28 -5.07
N GLU A 417 4.28 23.86 -5.50
CA GLU A 417 2.97 23.28 -5.25
C GLU A 417 2.15 23.35 -6.52
N MET A 418 1.65 22.21 -6.98
CA MET A 418 0.85 22.13 -8.18
C MET A 418 -0.63 22.14 -7.82
N PHE A 419 -1.42 22.92 -8.56
CA PHE A 419 -2.84 23.08 -8.30
C PHE A 419 -3.66 22.76 -9.55
N ILE A 420 -4.79 22.09 -9.34
CA ILE A 420 -5.75 21.81 -10.40
C ILE A 420 -7.09 22.37 -9.95
N CYS A 421 -7.62 23.33 -10.71
CA CYS A 421 -8.87 24.02 -10.35
C CYS A 421 -8.78 24.62 -8.95
N GLY A 422 -7.60 25.08 -8.57
CA GLY A 422 -7.43 25.71 -7.27
C GLY A 422 -7.39 24.76 -6.11
N LYS A 423 -6.93 23.52 -6.31
CA LYS A 423 -6.83 22.55 -5.24
C LYS A 423 -5.46 21.88 -5.30
N GLU A 424 -4.80 21.79 -4.16
CA GLU A 424 -3.43 21.28 -4.10
C GLU A 424 -3.43 19.76 -4.21
N VAL A 425 -2.80 19.24 -5.26
CA VAL A 425 -2.66 17.81 -5.47
C VAL A 425 -1.19 17.38 -5.43
N LEU A 426 -0.29 18.29 -5.07
CA LEU A 426 1.14 17.99 -5.10
C LEU A 426 1.88 19.03 -4.26
N ASN A 427 2.97 18.58 -3.64
CA ASN A 427 3.83 19.45 -2.85
C ASN A 427 5.24 18.88 -2.88
N ALA A 428 6.22 19.75 -3.12
CA ALA A 428 7.60 19.30 -3.26
C ALA A 428 8.55 20.45 -2.97
N TYR A 429 9.75 20.10 -2.53
CA TYR A 429 10.83 21.06 -2.31
C TYR A 429 12.12 20.29 -2.10
N THR A 430 13.23 21.02 -2.11
CA THR A 430 14.52 20.45 -1.75
C THR A 430 14.61 20.39 -0.23
N GLU A 431 14.99 19.23 0.29
CA GLU A 431 15.01 19.03 1.74
C GLU A 431 16.15 19.81 2.38
N LEU A 432 15.86 20.38 3.54
CA LEU A 432 16.86 21.12 4.32
C LEU A 432 17.75 20.11 5.02
N ASN A 433 18.95 19.90 4.47
CA ASN A 433 19.88 18.92 5.00
C ASN A 433 20.87 19.50 5.99
N ASP A 434 20.78 20.79 6.30
CA ASP A 434 21.63 21.40 7.32
C ASP A 434 20.95 21.26 8.67
N PRO A 435 21.51 20.47 9.60
CA PRO A 435 20.85 20.30 10.90
C PRO A 435 20.87 21.55 11.77
N PHE A 436 21.77 22.49 11.50
CA PHE A 436 21.84 23.70 12.32
C PHE A 436 20.76 24.71 11.94
N LYS A 437 20.42 24.79 10.65
CA LYS A 437 19.45 25.78 10.20
C LYS A 437 18.01 25.44 10.60
N GLN A 438 17.77 24.25 11.15
CA GLN A 438 16.45 23.90 11.64
C GLN A 438 16.22 24.55 13.00
N LYS A 439 15.22 25.43 13.08
CA LYS A 439 14.91 26.10 14.34
C LYS A 439 14.48 25.11 15.41
N GLU A 440 13.95 23.96 15.01
CA GLU A 440 13.39 22.99 15.94
C GLU A 440 14.39 21.93 16.38
N CYS A 441 15.60 21.91 15.83
CA CYS A 441 16.62 20.94 16.24
C CYS A 441 17.45 21.47 17.41
N PHE A 442 16.77 21.93 18.45
CA PHE A 442 17.44 22.42 19.65
C PHE A 442 16.66 22.04 20.90
N LEU A 459 8.30 18.23 15.82
CA LEU A 459 9.49 17.45 15.47
C LEU A 459 9.97 16.63 16.67
N ASP A 460 11.02 15.84 16.47
CA ASP A 460 11.57 14.99 17.52
C ASP A 460 13.09 14.96 17.41
N SER A 461 13.73 14.57 18.51
CA SER A 461 15.18 14.43 18.52
C SER A 461 15.64 13.19 17.78
N ALA A 462 14.74 12.22 17.55
CA ALA A 462 15.11 11.02 16.81
C ALA A 462 15.31 11.30 15.32
N PHE A 463 14.76 12.40 14.81
CA PHE A 463 14.95 12.80 13.43
C PHE A 463 16.07 13.80 13.24
N CYS A 464 16.21 14.78 14.14
CA CYS A 464 17.33 15.71 14.05
C CYS A 464 18.67 14.98 14.19
N THR A 465 18.70 13.91 14.99
CA THR A 465 19.92 13.12 15.11
C THR A 465 20.26 12.40 13.82
N SER A 466 19.26 11.95 13.07
CA SER A 466 19.52 11.31 11.79
C SER A 466 20.14 12.28 10.79
N LEU A 467 19.74 13.56 10.86
CA LEU A 467 20.38 14.56 10.01
C LEU A 467 21.82 14.80 10.41
N GLU A 468 22.16 14.56 11.68
CA GLU A 468 23.53 14.78 12.15
C GLU A 468 24.51 13.79 11.55
N TYR A 469 24.02 12.69 10.99
CA TYR A 469 24.89 11.72 10.34
C TYR A 469 25.09 12.01 8.85
N GLY A 470 24.53 13.10 8.34
CA GLY A 470 24.77 13.51 6.98
C GLY A 470 23.67 13.14 6.01
N LEU A 471 22.78 14.10 5.73
CA LEU A 471 21.77 13.91 4.71
C LEU A 471 22.23 14.57 3.42
N PRO A 472 22.38 13.84 2.32
CA PRO A 472 22.82 14.43 1.07
C PRO A 472 21.80 15.44 0.56
N PRO A 473 22.19 16.31 -0.37
CA PRO A 473 21.20 17.22 -0.97
C PRO A 473 20.17 16.47 -1.80
N THR A 474 18.96 16.32 -1.27
CA THR A 474 17.89 15.58 -1.92
C THR A 474 16.67 16.46 -2.10
N GLY A 475 15.73 15.98 -2.92
CA GLY A 475 14.48 16.69 -3.14
C GLY A 475 13.28 15.76 -3.10
N GLY A 476 12.40 15.97 -2.13
CA GLY A 476 11.23 15.14 -1.96
C GLY A 476 9.98 15.73 -2.59
N LEU A 477 9.00 14.87 -2.82
CA LEU A 477 7.75 15.27 -3.45
C LEU A 477 6.62 14.43 -2.87
N GLY A 478 5.47 15.06 -2.65
CA GLY A 478 4.30 14.38 -2.13
C GLY A 478 3.14 14.50 -3.10
N LEU A 479 2.35 13.43 -3.21
CA LEU A 479 1.21 13.38 -4.11
C LEU A 479 -0.07 13.13 -3.33
N GLY A 480 -1.13 13.83 -3.73
CA GLY A 480 -2.45 13.58 -3.18
C GLY A 480 -3.25 12.64 -4.07
N ILE A 481 -3.17 11.34 -3.78
CA ILE A 481 -3.77 10.35 -4.68
C ILE A 481 -5.27 10.54 -4.79
N ASP A 482 -5.93 10.82 -3.67
CA ASP A 482 -7.39 10.94 -3.69
C ASP A 482 -7.84 12.18 -4.44
N ARG A 483 -7.12 13.30 -4.27
CA ARG A 483 -7.47 14.51 -5.02
C ARG A 483 -7.14 14.38 -6.50
N ILE A 484 -6.06 13.67 -6.83
CA ILE A 484 -5.69 13.51 -8.24
C ILE A 484 -6.74 12.71 -8.98
N THR A 485 -7.27 11.66 -8.37
CA THR A 485 -8.30 10.85 -9.01
C THR A 485 -9.60 11.63 -9.20
N MET A 486 -9.84 12.64 -8.35
CA MET A 486 -11.06 13.44 -8.48
C MET A 486 -11.09 14.18 -9.81
N PHE A 487 -10.02 14.91 -10.12
CA PHE A 487 -9.98 15.69 -11.35
C PHE A 487 -9.83 14.81 -12.59
N LEU A 488 -9.40 13.56 -12.42
CA LEU A 488 -9.26 12.64 -13.55
C LEU A 488 -10.46 11.73 -13.74
N THR A 489 -11.44 11.76 -12.83
CA THR A 489 -12.66 10.97 -12.95
C THR A 489 -13.91 11.83 -12.94
N ASN A 490 -13.76 13.16 -12.94
CA ASN A 490 -14.89 14.10 -12.92
C ASN A 490 -15.78 13.87 -11.69
N LYS A 491 -15.19 14.17 -10.54
CA LYS A 491 -15.87 14.05 -9.25
C LYS A 491 -15.68 15.32 -8.45
N ASN A 492 -16.76 15.80 -7.84
CA ASN A 492 -16.71 17.01 -7.03
C ASN A 492 -16.38 16.72 -5.57
N SER A 493 -16.77 15.56 -5.06
CA SER A 493 -16.53 15.19 -3.67
C SER A 493 -15.47 14.10 -3.59
N ILE A 494 -14.67 14.16 -2.53
CA ILE A 494 -13.62 13.17 -2.32
C ILE A 494 -14.21 11.82 -1.92
N LYS A 495 -15.42 11.80 -1.37
CA LYS A 495 -16.06 10.54 -1.02
C LYS A 495 -16.45 9.72 -2.25
N ASP A 496 -16.36 10.30 -3.45
CA ASP A 496 -16.69 9.58 -4.67
C ASP A 496 -15.53 8.75 -5.19
N VAL A 497 -14.30 9.05 -4.77
CA VAL A 497 -13.13 8.30 -5.17
C VAL A 497 -12.60 7.38 -4.07
N ILE A 498 -13.23 7.40 -2.89
CA ILE A 498 -12.89 6.49 -1.80
C ILE A 498 -14.00 5.47 -1.69
N LEU A 499 -13.62 4.19 -1.54
CA LEU A 499 -14.59 3.12 -1.48
C LEU A 499 -15.53 3.28 -0.29
N PHE A 500 -14.98 3.19 0.93
CA PHE A 500 -15.75 3.34 2.16
C PHE A 500 -15.19 4.52 2.95
N PRO A 501 -15.64 5.74 2.67
CA PRO A 501 -15.16 6.90 3.43
C PRO A 501 -15.76 6.93 4.83
N THR A 502 -15.28 7.89 5.62
CA THR A 502 -15.76 8.05 6.99
C THR A 502 -17.20 8.53 6.97
N MET A 503 -18.09 7.74 7.58
CA MET A 503 -19.52 8.06 7.61
C MET A 503 -20.02 8.06 9.04
N ARG A 504 -20.82 9.07 9.37
CA ARG A 504 -21.42 9.16 10.70
C ARG A 504 -22.63 8.25 10.78
N PRO A 505 -22.75 7.43 11.84
CA PRO A 505 -23.89 6.51 12.03
C PRO A 505 -25.23 7.24 12.04
N ASP B 3 37.40 11.61 19.95
CA ASP B 3 36.96 10.22 19.95
C ASP B 3 35.80 9.92 20.93
N PRO B 4 35.87 10.41 22.18
CA PRO B 4 34.74 10.18 23.10
C PRO B 4 33.46 10.86 22.63
N ARG B 5 33.34 12.16 22.91
CA ARG B 5 32.22 12.96 22.45
C ARG B 5 32.63 14.29 21.86
N LEU B 6 33.93 14.62 21.90
CA LEU B 6 34.40 15.89 21.38
C LEU B 6 34.41 15.93 19.86
N TYR B 7 34.37 14.77 19.20
CA TYR B 7 34.33 14.75 17.74
C TYR B 7 33.07 15.42 17.21
N PHE B 8 31.95 15.31 17.94
CA PHE B 8 30.74 15.99 17.54
C PHE B 8 30.86 17.50 17.67
N GLU B 9 31.79 17.99 18.48
CA GLU B 9 31.89 19.43 18.72
C GLU B 9 32.72 20.12 17.64
N ASN B 10 33.92 19.61 17.34
CA ASN B 10 34.79 20.27 16.38
C ASN B 10 34.25 20.19 14.97
N ARG B 11 33.57 19.09 14.62
CA ARG B 11 32.92 19.02 13.31
C ARG B 11 31.77 20.02 13.23
N SER B 12 31.06 20.25 14.34
CA SER B 12 30.03 21.27 14.37
C SER B 12 30.63 22.66 14.20
N LYS B 13 31.75 22.94 14.90
CA LYS B 13 32.43 24.21 14.71
C LYS B 13 33.07 24.31 13.34
N PHE B 14 33.49 23.18 12.76
CA PHE B 14 34.02 23.19 11.40
C PHE B 14 32.97 23.68 10.41
N ILE B 15 31.71 23.29 10.61
CA ILE B 15 30.63 23.78 9.76
C ILE B 15 30.47 25.29 9.93
N GLN B 16 30.61 25.78 11.18
CA GLN B 16 30.51 27.21 11.42
C GLN B 16 31.71 27.96 10.85
N ASP B 17 32.90 27.36 10.93
CA ASP B 17 34.09 27.99 10.36
C ASP B 17 33.99 28.08 8.84
N GLN B 18 33.36 27.09 8.20
CA GLN B 18 33.15 27.16 6.76
C GLN B 18 32.09 28.20 6.41
N LYS B 19 31.05 28.32 7.24
CA LYS B 19 30.00 29.30 6.99
C LYS B 19 30.52 30.72 7.11
N ASP B 20 31.36 30.98 8.10
CA ASP B 20 31.89 32.33 8.30
C ASP B 20 32.89 32.71 7.22
N LYS B 21 33.72 31.75 6.80
CA LYS B 21 34.73 32.04 5.78
C LYS B 21 34.13 32.22 4.40
N GLY B 22 32.89 31.78 4.18
CA GLY B 22 32.21 31.97 2.91
C GLY B 22 31.97 30.71 2.11
N ILE B 23 32.39 29.55 2.60
CA ILE B 23 32.20 28.28 1.90
C ILE B 23 30.92 27.64 2.43
N ASN B 24 29.92 27.54 1.57
CA ASN B 24 28.65 26.92 1.95
C ASN B 24 28.85 25.43 2.15
N PRO B 25 28.69 24.91 3.38
CA PRO B 25 28.99 23.49 3.61
C PRO B 25 27.97 22.54 3.01
N TYR B 26 26.73 22.98 2.81
CA TYR B 26 25.66 22.15 2.25
C TYR B 26 25.20 22.77 0.94
N PRO B 27 25.85 22.47 -0.17
CA PRO B 27 25.40 23.01 -1.46
C PRO B 27 24.02 22.48 -1.83
N HIS B 28 23.40 23.15 -2.81
CA HIS B 28 22.03 22.85 -3.18
C HIS B 28 21.92 21.73 -4.21
N LYS B 29 22.71 21.81 -5.28
CA LYS B 29 22.57 20.88 -6.39
C LYS B 29 23.95 20.50 -6.93
N PHE B 30 24.20 19.20 -7.07
CA PHE B 30 25.34 18.68 -7.79
C PHE B 30 24.84 17.86 -8.97
N GLU B 31 25.29 18.22 -10.18
CA GLU B 31 24.77 17.63 -11.41
C GLU B 31 25.59 16.40 -11.76
N ARG B 32 25.30 15.30 -11.06
CA ARG B 32 25.98 14.04 -11.36
C ARG B 32 25.43 13.45 -12.65
N THR B 33 26.31 12.79 -13.42
CA THR B 33 25.95 12.23 -14.71
C THR B 33 26.06 10.71 -14.74
N ILE B 34 26.41 10.07 -13.63
CA ILE B 34 26.52 8.61 -13.58
C ILE B 34 26.47 8.19 -12.12
N SER B 35 25.78 7.08 -11.87
CA SER B 35 25.71 6.52 -10.53
C SER B 35 26.93 5.63 -10.29
N ILE B 36 26.89 4.82 -9.23
CA ILE B 36 28.01 3.94 -8.90
C ILE B 36 27.74 2.53 -9.41
N PRO B 37 26.55 1.94 -9.24
CA PRO B 37 26.30 0.63 -9.85
C PRO B 37 26.44 0.63 -11.37
N GLU B 38 26.03 1.70 -12.04
CA GLU B 38 26.24 1.79 -13.48
C GLU B 38 27.69 2.11 -13.82
N PHE B 39 28.38 2.84 -12.94
CA PHE B 39 29.81 3.06 -13.13
C PHE B 39 30.57 1.74 -13.08
N ILE B 40 30.18 0.84 -12.17
CA ILE B 40 30.80 -0.47 -12.08
C ILE B 40 30.50 -1.28 -13.33
N GLU B 41 29.25 -1.26 -13.80
CA GLU B 41 28.87 -2.07 -14.94
C GLU B 41 29.49 -1.55 -16.24
N LYS B 42 29.79 -0.26 -16.31
CA LYS B 42 30.30 0.32 -17.54
C LYS B 42 31.80 0.15 -17.70
N TYR B 43 32.57 0.36 -16.63
CA TYR B 43 34.03 0.28 -16.72
C TYR B 43 34.58 -0.87 -15.90
N LYS B 44 34.00 -2.07 -16.04
CA LYS B 44 34.42 -3.19 -15.23
C LYS B 44 35.65 -3.89 -15.80
N ASP B 45 35.72 -4.06 -17.11
CA ASP B 45 36.81 -4.79 -17.76
C ASP B 45 37.85 -3.85 -18.36
N LEU B 46 38.19 -2.77 -17.65
CA LEU B 46 39.24 -1.89 -18.12
C LEU B 46 40.61 -2.52 -17.88
N GLY B 47 41.60 -2.02 -18.61
CA GLY B 47 42.95 -2.52 -18.45
C GLY B 47 43.59 -2.01 -17.17
N ASN B 48 44.33 -2.90 -16.50
CA ASN B 48 45.01 -2.54 -15.26
C ASN B 48 46.00 -1.42 -15.51
N GLY B 49 45.63 -0.20 -15.15
CA GLY B 49 46.42 0.99 -15.42
C GLY B 49 45.82 1.90 -16.47
N GLU B 50 44.76 1.48 -17.14
CA GLU B 50 44.18 2.27 -18.21
C GLU B 50 43.26 3.34 -17.66
N HIS B 51 43.37 4.55 -18.21
CA HIS B 51 42.56 5.69 -17.82
C HIS B 51 41.85 6.25 -19.05
N LEU B 52 40.61 6.68 -18.87
CA LEU B 52 39.81 7.29 -19.93
C LEU B 52 39.76 8.79 -19.65
N GLU B 53 40.77 9.51 -20.16
CA GLU B 53 40.94 10.92 -19.82
C GLU B 53 40.01 11.85 -20.58
N ASP B 54 39.45 11.42 -21.71
CA ASP B 54 38.60 12.30 -22.51
C ASP B 54 37.13 12.24 -22.11
N THR B 55 36.75 11.32 -21.23
CA THR B 55 35.37 11.16 -20.79
C THR B 55 35.31 11.49 -19.30
N ILE B 56 35.00 12.74 -18.99
CA ILE B 56 34.88 13.21 -17.61
C ILE B 56 33.48 12.91 -17.11
N LEU B 57 33.38 12.57 -15.82
CA LEU B 57 32.11 12.17 -15.22
C LEU B 57 31.92 12.91 -13.89
N ASN B 58 30.65 13.20 -13.59
CA ASN B 58 30.26 13.75 -12.30
C ASN B 58 29.53 12.67 -11.52
N ILE B 59 30.04 12.35 -10.34
CA ILE B 59 29.52 11.24 -9.55
C ILE B 59 29.48 11.65 -8.08
N THR B 60 28.58 11.03 -7.33
CA THR B 60 28.38 11.31 -5.91
C THR B 60 28.55 10.02 -5.11
N GLY B 61 28.49 10.17 -3.79
CA GLY B 61 28.62 9.04 -2.90
C GLY B 61 29.00 9.47 -1.51
N ARG B 62 29.24 8.47 -0.66
CA ARG B 62 29.58 8.68 0.74
C ARG B 62 30.91 8.01 1.05
N ILE B 63 31.84 8.79 1.59
CA ILE B 63 33.17 8.28 1.93
C ILE B 63 33.06 7.34 3.12
N MET B 64 33.53 6.10 2.96
CA MET B 64 33.49 5.11 4.03
C MET B 64 34.88 4.68 4.50
N ARG B 65 35.94 5.19 3.89
CA ARG B 65 37.30 4.91 4.35
C ARG B 65 38.19 6.05 3.90
N VAL B 66 38.93 6.64 4.85
CA VAL B 66 39.83 7.76 4.58
C VAL B 66 41.25 7.26 4.71
N SER B 67 41.99 7.28 3.59
CA SER B 67 43.37 6.85 3.57
C SER B 67 44.19 7.87 2.77
N ALA B 68 45.48 7.94 3.09
CA ALA B 68 46.38 8.87 2.43
C ALA B 68 47.72 8.19 2.20
N SER B 69 48.58 8.87 1.45
CA SER B 69 49.91 8.35 1.15
C SER B 69 50.80 9.44 0.56
N GLY B 70 51.34 10.30 1.41
CA GLY B 70 52.25 11.34 0.97
C GLY B 70 51.64 12.70 0.76
N GLN B 71 50.46 12.98 1.33
CA GLN B 71 49.83 14.29 1.29
C GLN B 71 49.42 14.71 -0.13
N LYS B 72 49.93 14.02 -1.14
CA LYS B 72 49.60 14.29 -2.53
C LYS B 72 48.91 13.12 -3.21
N LEU B 73 48.61 12.06 -2.47
CA LEU B 73 47.90 10.89 -2.99
C LEU B 73 47.01 10.37 -1.88
N ARG B 74 45.69 10.50 -2.06
CA ARG B 74 44.72 10.17 -1.02
C ARG B 74 43.73 9.13 -1.55
N PHE B 75 43.51 8.10 -0.75
CA PHE B 75 42.66 6.96 -1.13
C PHE B 75 41.37 7.02 -0.33
N PHE B 76 40.24 6.94 -1.03
CA PHE B 76 38.93 6.97 -0.41
C PHE B 76 38.09 5.79 -0.90
N ASP B 77 37.06 5.46 -0.14
CA ASP B 77 36.10 4.42 -0.50
C ASP B 77 34.73 5.07 -0.65
N LEU B 78 34.25 5.17 -1.89
CA LEU B 78 32.98 5.83 -2.19
C LEU B 78 31.90 4.78 -2.40
N VAL B 79 30.85 4.83 -1.59
CA VAL B 79 29.75 3.89 -1.68
C VAL B 79 28.52 4.62 -2.21
N GLY B 80 27.61 3.84 -2.77
CA GLY B 80 26.38 4.38 -3.33
C GLY B 80 25.49 3.29 -3.89
N ASP B 81 24.26 3.20 -3.39
CA ASP B 81 23.29 2.18 -3.82
C ASP B 81 23.81 0.77 -3.56
N GLY B 82 24.56 0.60 -2.47
CA GLY B 82 25.04 -0.70 -2.05
C GLY B 82 26.28 -1.19 -2.74
N GLU B 83 26.88 -0.41 -3.63
CA GLU B 83 28.10 -0.80 -4.33
C GLU B 83 29.20 0.19 -4.02
N LYS B 84 30.44 -0.27 -4.10
CA LYS B 84 31.60 0.48 -3.62
C LYS B 84 32.66 0.58 -4.72
N ILE B 85 33.19 1.79 -4.90
CA ILE B 85 34.35 2.03 -5.75
C ILE B 85 35.38 2.81 -4.94
N GLN B 86 36.57 2.95 -5.51
CA GLN B 86 37.66 3.67 -4.86
C GLN B 86 37.80 5.05 -5.48
N VAL B 87 38.32 5.99 -4.69
CA VAL B 87 38.64 7.34 -5.14
C VAL B 87 40.15 7.51 -5.03
N LEU B 88 40.79 7.83 -6.14
CA LEU B 88 42.25 8.02 -6.19
C LEU B 88 42.51 9.51 -6.45
N ALA B 89 42.61 10.27 -5.36
CA ALA B 89 42.83 11.71 -5.43
C ALA B 89 44.34 11.97 -5.51
N ASN B 90 44.78 12.45 -6.67
CA ASN B 90 46.18 12.77 -6.90
C ASN B 90 46.35 14.27 -7.05
N TYR B 91 47.43 14.81 -6.47
CA TYR B 91 47.64 16.26 -6.50
C TYR B 91 47.83 16.76 -7.93
N SER B 92 48.55 16.00 -8.76
CA SER B 92 48.81 16.44 -10.12
C SER B 92 47.57 16.45 -10.98
N PHE B 93 46.54 15.69 -10.63
CA PHE B 93 45.29 15.68 -11.36
C PHE B 93 44.28 16.70 -10.84
N HIS B 94 44.57 17.34 -9.72
CA HIS B 94 43.63 18.26 -9.09
C HIS B 94 43.56 19.58 -9.84
N ASN B 95 42.35 20.06 -10.07
CA ASN B 95 42.14 21.36 -10.70
C ASN B 95 42.53 22.45 -9.72
N HIS B 96 43.71 23.05 -9.94
CA HIS B 96 44.26 24.02 -9.00
C HIS B 96 43.61 25.40 -9.17
N GLU B 97 42.27 25.44 -9.15
CA GLU B 97 41.55 26.71 -9.22
C GLU B 97 40.40 26.81 -8.22
N LYS B 98 40.00 25.71 -7.57
CA LYS B 98 38.96 25.71 -6.55
C LYS B 98 39.60 25.28 -5.24
N GLY B 99 40.35 26.19 -4.63
CA GLY B 99 41.00 25.94 -3.36
C GLY B 99 42.25 25.08 -3.50
N ASN B 100 43.03 25.05 -2.43
CA ASN B 100 44.24 24.24 -2.40
C ASN B 100 43.89 22.76 -2.27
N PHE B 101 44.77 21.91 -2.79
CA PHE B 101 44.54 20.48 -2.74
C PHE B 101 44.42 19.98 -1.31
N ALA B 102 45.34 20.40 -0.45
CA ALA B 102 45.26 20.00 0.96
C ALA B 102 44.01 20.57 1.61
N GLU B 103 43.72 21.84 1.36
CA GLU B 103 42.50 22.45 1.90
C GLU B 103 41.24 21.82 1.34
N CYS B 104 41.32 21.21 0.16
CA CYS B 104 40.16 20.60 -0.48
C CYS B 104 39.91 19.17 -0.01
N TYR B 105 40.90 18.51 0.57
CA TYR B 105 40.79 17.10 0.93
C TYR B 105 41.03 16.80 2.41
N ASP B 106 41.76 17.65 3.13
CA ASP B 106 41.92 17.43 4.56
C ASP B 106 40.65 17.75 5.33
N LYS B 107 39.70 18.45 4.71
CA LYS B 107 38.47 18.84 5.40
C LYS B 107 37.48 17.69 5.52
N ILE B 108 37.47 16.78 4.56
CA ILE B 108 36.47 15.70 4.52
C ILE B 108 36.96 14.53 5.34
N ARG B 109 36.02 13.79 5.92
CA ARG B 109 36.33 12.64 6.76
C ARG B 109 35.39 11.50 6.37
N ARG B 110 35.32 10.49 7.24
CA ARG B 110 34.53 9.29 6.95
C ARG B 110 33.05 9.58 7.18
N GLY B 111 32.21 9.20 6.22
CA GLY B 111 30.78 9.39 6.29
C GLY B 111 30.26 10.60 5.52
N ASP B 112 31.14 11.41 4.97
CA ASP B 112 30.72 12.64 4.31
C ASP B 112 30.20 12.35 2.90
N ILE B 113 29.07 12.97 2.56
CA ILE B 113 28.54 12.92 1.21
C ILE B 113 29.31 13.93 0.36
N VAL B 114 29.89 13.46 -0.74
CA VAL B 114 30.79 14.26 -1.54
C VAL B 114 30.46 14.09 -3.02
N GLY B 115 30.57 15.18 -3.78
CA GLY B 115 30.40 15.14 -5.22
C GLY B 115 31.76 15.18 -5.90
N ILE B 116 31.98 14.23 -6.80
CA ILE B 116 33.26 14.02 -7.44
C ILE B 116 33.16 14.37 -8.92
N VAL B 117 34.12 15.14 -9.42
CA VAL B 117 34.25 15.46 -10.83
C VAL B 117 35.57 14.85 -11.30
N GLY B 118 35.49 13.77 -12.07
CA GLY B 118 36.68 13.10 -12.52
C GLY B 118 36.41 12.19 -13.70
N PHE B 119 37.37 11.31 -13.97
CA PHE B 119 37.31 10.40 -15.09
C PHE B 119 37.49 8.96 -14.60
N PRO B 120 36.92 8.00 -15.31
CA PRO B 120 37.06 6.59 -14.90
C PRO B 120 38.40 6.01 -15.31
N GLY B 121 38.84 5.02 -14.54
CA GLY B 121 40.10 4.36 -14.84
C GLY B 121 40.38 3.29 -13.81
N LYS B 122 41.43 2.52 -14.08
CA LYS B 122 41.88 1.46 -13.18
C LYS B 122 43.31 1.74 -12.74
N SER B 123 43.57 1.56 -11.46
CA SER B 123 44.92 1.74 -10.94
C SER B 123 45.80 0.57 -11.36
N LYS B 124 47.10 0.69 -11.08
CA LYS B 124 48.03 -0.37 -11.44
C LYS B 124 47.76 -1.64 -10.65
N LYS B 125 47.20 -1.53 -9.44
CA LYS B 125 46.83 -2.69 -8.65
C LYS B 125 45.61 -3.42 -9.20
N GLY B 126 44.98 -2.89 -10.26
CA GLY B 126 43.77 -3.50 -10.77
C GLY B 126 42.51 -3.08 -10.05
N GLU B 127 42.49 -1.88 -9.46
CA GLU B 127 41.36 -1.40 -8.70
C GLU B 127 40.62 -0.35 -9.53
N LEU B 128 39.34 -0.61 -9.80
CA LEU B 128 38.52 0.35 -10.52
C LEU B 128 38.27 1.57 -9.63
N SER B 129 38.72 2.73 -10.07
CA SER B 129 38.64 3.94 -9.25
C SER B 129 38.22 5.12 -10.11
N ILE B 130 37.71 6.15 -9.44
CA ILE B 130 37.40 7.43 -10.06
C ILE B 130 38.48 8.41 -9.65
N PHE B 131 39.01 9.14 -10.63
CA PHE B 131 40.12 10.06 -10.39
C PHE B 131 39.59 11.49 -10.35
N PRO B 132 39.36 12.07 -9.18
CA PRO B 132 38.74 13.40 -9.12
C PRO B 132 39.73 14.50 -9.48
N LYS B 133 39.33 15.36 -10.41
CA LYS B 133 40.00 16.63 -10.63
C LYS B 133 39.42 17.72 -9.75
N GLU B 134 38.20 17.52 -9.22
CA GLU B 134 37.56 18.45 -8.32
C GLU B 134 36.74 17.66 -7.32
N THR B 135 36.79 18.06 -6.05
CA THR B 135 36.07 17.38 -4.98
C THR B 135 35.37 18.43 -4.13
N ILE B 136 34.06 18.31 -4.00
CA ILE B 136 33.25 19.27 -3.25
C ILE B 136 32.39 18.51 -2.25
N LEU B 137 32.41 18.98 -1.00
CA LEU B 137 31.64 18.35 0.08
C LEU B 137 30.17 18.73 -0.08
N LEU B 138 29.30 17.73 -0.14
CA LEU B 138 27.87 17.96 -0.27
C LEU B 138 27.16 18.01 1.08
N SER B 139 27.49 17.08 1.99
CA SER B 139 26.94 17.09 3.34
C SER B 139 27.85 16.28 4.23
N ALA B 140 28.26 16.87 5.35
CA ALA B 140 29.24 16.25 6.24
C ALA B 140 28.56 15.43 7.31
N CYS B 141 29.19 14.30 7.67
CA CYS B 141 28.74 13.46 8.77
C CYS B 141 29.38 13.97 10.05
N LEU B 142 28.56 14.52 10.96
CA LEU B 142 29.09 15.14 12.16
C LEU B 142 29.44 14.14 13.25
N HIS B 143 28.96 12.90 13.15
CA HIS B 143 29.20 11.89 14.17
C HIS B 143 30.22 10.87 13.68
N MET B 144 30.72 10.08 14.63
CA MET B 144 31.69 9.04 14.33
C MET B 144 30.94 7.76 13.97
N LEU B 145 31.09 7.33 12.73
CA LEU B 145 30.44 6.10 12.28
C LEU B 145 31.19 4.89 12.81
N PRO B 146 30.49 3.89 13.34
CA PRO B 146 31.16 2.65 13.76
C PRO B 146 31.74 1.91 12.56
N MET B 147 32.63 0.97 12.85
CA MET B 147 33.26 0.17 11.81
C MET B 147 32.30 -0.93 11.37
N LYS B 148 32.83 -1.91 10.63
CA LYS B 148 31.97 -2.93 10.00
C LYS B 148 31.28 -3.79 11.06
N TYR B 149 32.07 -4.52 11.85
CA TYR B 149 31.52 -5.42 12.86
C TYR B 149 31.33 -4.74 14.21
N GLY B 150 31.26 -3.41 14.24
CA GLY B 150 30.97 -2.69 15.45
C GLY B 150 29.48 -2.43 15.60
N LEU B 151 28.68 -3.15 14.82
CA LEU B 151 27.23 -3.03 14.86
C LEU B 151 26.63 -4.41 14.62
N LYS B 152 25.35 -4.45 14.25
CA LYS B 152 24.59 -5.70 14.10
C LYS B 152 24.66 -6.55 15.36
N ASP B 153 24.78 -5.91 16.51
CA ASP B 153 24.81 -6.61 17.80
C ASP B 153 23.74 -6.05 18.73
N THR B 154 23.76 -4.73 18.92
CA THR B 154 22.86 -4.08 19.86
C THR B 154 21.52 -3.81 19.17
N GLU B 155 20.63 -3.10 19.83
CA GLU B 155 19.35 -2.71 19.26
C GLU B 155 19.40 -1.36 18.55
N ILE B 156 20.59 -0.85 18.28
CA ILE B 156 20.72 0.40 17.52
C ILE B 156 20.20 0.24 16.11
N ARG B 157 20.19 -0.99 15.58
CA ARG B 157 19.58 -1.24 14.28
C ARG B 157 18.09 -0.97 14.33
N TYR B 158 17.39 -1.57 15.29
CA TYR B 158 15.94 -1.40 15.39
C TYR B 158 15.55 0.03 15.72
N ARG B 159 16.45 0.80 16.34
CA ARG B 159 16.19 2.20 16.65
C ARG B 159 16.62 3.10 15.50
N GLN B 160 17.90 3.06 15.13
CA GLN B 160 18.46 3.85 14.05
C GLN B 160 18.82 2.90 12.91
N ARG B 161 17.82 2.61 12.07
CA ARG B 161 18.04 1.68 10.96
C ARG B 161 18.96 2.25 9.90
N TYR B 162 19.06 3.58 9.79
CA TYR B 162 19.95 4.17 8.80
C TYR B 162 21.40 3.82 9.06
N LEU B 163 21.77 3.59 10.32
CA LEU B 163 23.12 3.12 10.62
C LEU B 163 23.31 1.65 10.24
N ASP B 164 22.25 0.85 10.38
CA ASP B 164 22.33 -0.56 10.03
C ASP B 164 22.32 -0.80 8.53
N LEU B 165 21.78 0.14 7.74
CA LEU B 165 21.70 0.00 6.30
C LEU B 165 22.97 0.43 5.59
N LEU B 166 23.89 1.11 6.27
CA LEU B 166 25.11 1.60 5.66
C LEU B 166 26.33 0.77 6.03
N ILE B 167 26.19 -0.23 6.90
CA ILE B 167 27.32 -0.98 7.42
C ILE B 167 27.24 -2.46 7.04
N ASN B 168 26.07 -3.08 7.17
CA ASN B 168 25.91 -4.52 6.95
C ASN B 168 25.22 -4.74 5.61
N GLU B 169 25.86 -5.53 4.74
CA GLU B 169 25.25 -5.89 3.47
C GLU B 169 24.05 -6.80 3.66
N SER B 170 23.92 -7.45 4.82
CA SER B 170 22.78 -8.31 5.08
C SER B 170 21.48 -7.52 5.08
N SER B 171 21.41 -6.48 5.91
CA SER B 171 20.17 -5.74 6.09
C SER B 171 19.64 -5.18 4.77
N ARG B 172 20.52 -4.60 3.95
CA ARG B 172 20.07 -4.13 2.65
C ARG B 172 19.55 -5.28 1.80
N HIS B 173 20.18 -6.45 1.91
CA HIS B 173 19.68 -7.61 1.18
C HIS B 173 18.40 -8.15 1.79
N THR B 174 18.19 -7.94 3.10
CA THR B 174 16.94 -8.37 3.72
C THR B 174 15.76 -7.56 3.19
N PHE B 175 15.97 -6.26 2.95
CA PHE B 175 14.87 -5.38 2.62
C PHE B 175 14.64 -5.25 1.11
N VAL B 176 15.67 -5.46 0.29
CA VAL B 176 15.43 -5.49 -1.15
C VAL B 176 14.69 -6.77 -1.53
N THR B 177 14.86 -7.84 -0.75
CA THR B 177 14.10 -9.06 -0.96
C THR B 177 12.70 -8.98 -0.38
N ARG B 178 12.49 -8.14 0.63
CA ARG B 178 11.14 -7.96 1.17
C ARG B 178 10.22 -7.31 0.14
N THR B 179 10.66 -6.21 -0.47
CA THR B 179 9.87 -5.58 -1.51
C THR B 179 9.84 -6.41 -2.78
N LYS B 180 10.90 -7.18 -3.05
CA LYS B 180 10.87 -8.13 -4.15
C LYS B 180 9.75 -9.15 -3.95
N ILE B 181 9.45 -9.51 -2.71
CA ILE B 181 8.34 -10.41 -2.42
C ILE B 181 7.02 -9.70 -2.67
N ILE B 182 6.88 -8.48 -2.13
CA ILE B 182 5.63 -7.73 -2.30
C ILE B 182 5.38 -7.43 -3.77
N ASN B 183 6.43 -7.09 -4.51
CA ASN B 183 6.27 -6.88 -5.95
C ASN B 183 5.90 -8.17 -6.65
N PHE B 184 6.52 -9.29 -6.26
CA PHE B 184 6.16 -10.58 -6.85
C PHE B 184 4.74 -10.98 -6.47
N LEU B 185 4.33 -10.69 -5.24
CA LEU B 185 2.98 -11.03 -4.80
C LEU B 185 1.93 -10.17 -5.51
N ARG B 186 2.21 -8.87 -5.64
CA ARG B 186 1.27 -7.99 -6.34
C ARG B 186 1.13 -8.39 -7.80
N ASN B 187 2.25 -8.63 -8.49
CA ASN B 187 2.20 -9.06 -9.87
C ASN B 187 1.64 -10.45 -10.04
N PHE B 188 1.73 -11.29 -9.01
CA PHE B 188 1.16 -12.65 -9.09
C PHE B 188 -0.36 -12.59 -9.16
N LEU B 189 -0.98 -11.73 -8.35
CA LEU B 189 -2.43 -11.64 -8.34
C LEU B 189 -2.94 -10.94 -9.59
N ASN B 190 -2.23 -9.90 -10.05
CA ASN B 190 -2.66 -9.18 -11.25
C ASN B 190 -2.69 -10.09 -12.47
N GLU B 191 -1.78 -11.07 -12.54
CA GLU B 191 -1.80 -12.00 -13.67
C GLU B 191 -3.09 -12.80 -13.72
N ARG B 192 -3.67 -13.12 -12.57
CA ARG B 192 -4.92 -13.84 -12.50
C ARG B 192 -6.14 -12.93 -12.56
N GLY B 193 -5.98 -11.72 -13.08
CA GLY B 193 -7.09 -10.81 -13.22
C GLY B 193 -7.60 -10.22 -11.92
N PHE B 194 -6.79 -10.23 -10.86
CA PHE B 194 -7.24 -9.68 -9.59
C PHE B 194 -7.22 -8.15 -9.64
N PHE B 195 -7.91 -7.55 -8.67
CA PHE B 195 -8.10 -6.11 -8.62
C PHE B 195 -7.68 -5.61 -7.25
N GLU B 196 -6.80 -4.61 -7.23
CA GLU B 196 -6.31 -4.03 -5.98
C GLU B 196 -7.21 -2.88 -5.55
N VAL B 197 -7.59 -2.87 -4.28
CA VAL B 197 -8.50 -1.87 -3.73
C VAL B 197 -7.90 -1.31 -2.45
N GLU B 198 -8.63 -0.39 -1.82
CA GLU B 198 -8.22 0.22 -0.57
C GLU B 198 -9.44 0.37 0.32
N THR B 199 -9.44 -0.34 1.46
CA THR B 199 -10.50 -0.31 2.46
C THR B 199 -10.08 0.56 3.63
N PRO B 200 -11.04 1.13 4.37
CA PRO B 200 -10.68 2.02 5.48
C PRO B 200 -9.99 1.26 6.61
N MET B 201 -9.19 2.02 7.38
CA MET B 201 -8.44 1.47 8.50
C MET B 201 -8.98 1.88 9.86
N MET B 202 -9.83 2.90 9.92
CA MET B 202 -10.49 3.34 11.14
C MET B 202 -11.98 3.03 11.02
N ASN B 203 -12.45 2.07 11.80
CA ASN B 203 -13.83 1.62 11.75
C ASN B 203 -14.46 1.71 13.13
N LEU B 204 -15.79 1.63 13.15
CA LEU B 204 -16.55 1.67 14.40
C LEU B 204 -16.68 0.30 15.05
N ILE B 205 -16.16 -0.76 14.42
CA ILE B 205 -16.22 -2.10 14.97
C ILE B 205 -14.93 -2.83 14.61
N ALA B 206 -14.53 -3.75 15.48
CA ALA B 206 -13.31 -4.54 15.28
C ALA B 206 -13.72 -5.95 14.84
N GLY B 207 -13.79 -6.14 13.53
CA GLY B 207 -14.16 -7.43 12.98
C GLY B 207 -13.17 -7.87 11.91
N GLY B 208 -13.25 -9.17 11.59
CA GLY B 208 -12.39 -9.78 10.59
C GLY B 208 -11.60 -10.96 11.12
N ALA B 209 -11.18 -10.92 12.38
CA ALA B 209 -10.43 -11.99 12.99
C ALA B 209 -10.66 -11.94 14.50
N ASN B 210 -9.79 -12.59 15.26
CA ASN B 210 -9.87 -12.63 16.72
C ASN B 210 -8.63 -11.97 17.29
N ALA B 211 -8.79 -10.78 17.85
CA ALA B 211 -7.68 -10.02 18.39
C ALA B 211 -8.21 -8.94 19.33
N ARG B 212 -7.29 -8.11 19.84
CA ARG B 212 -7.62 -6.99 20.70
C ARG B 212 -7.34 -5.69 19.94
N PRO B 213 -8.33 -4.84 19.72
CA PRO B 213 -8.12 -3.67 18.86
C PRO B 213 -7.59 -2.44 19.59
N PHE B 214 -7.30 -1.39 18.84
CA PHE B 214 -6.92 -0.09 19.39
C PHE B 214 -8.14 0.83 19.44
N ILE B 215 -7.96 2.00 20.05
CA ILE B 215 -9.03 2.98 20.20
C ILE B 215 -8.42 4.36 19.99
N THR B 216 -8.97 5.11 19.03
CA THR B 216 -8.61 6.50 18.80
C THR B 216 -9.89 7.33 18.84
N HIS B 217 -9.75 8.64 18.63
CA HIS B 217 -10.88 9.56 18.72
C HIS B 217 -10.79 10.59 17.62
N HIS B 218 -11.91 10.84 16.94
CA HIS B 218 -12.01 11.89 15.93
C HIS B 218 -12.59 13.14 16.60
N ASN B 219 -11.82 14.22 16.58
CA ASN B 219 -12.20 15.41 17.35
C ASN B 219 -13.36 16.14 16.71
N ASP B 220 -13.32 16.34 15.39
CA ASP B 220 -14.37 17.10 14.71
C ASP B 220 -15.69 16.35 14.62
N LEU B 221 -15.71 15.07 14.97
CA LEU B 221 -16.94 14.28 14.95
C LEU B 221 -17.30 13.68 16.32
N ASP B 222 -16.34 13.55 17.23
CA ASP B 222 -16.56 12.98 18.56
C ASP B 222 -17.01 11.52 18.47
N LEU B 223 -16.16 10.71 17.85
CA LEU B 223 -16.36 9.27 17.76
C LEU B 223 -15.11 8.54 18.24
N ASP B 224 -15.31 7.46 18.97
CA ASP B 224 -14.22 6.60 19.44
C ASP B 224 -14.13 5.42 18.49
N LEU B 225 -13.25 5.54 17.49
CA LEU B 225 -13.14 4.53 16.44
C LEU B 225 -12.14 3.45 16.81
N TYR B 226 -12.37 2.26 16.29
CA TYR B 226 -11.49 1.11 16.50
C TYR B 226 -10.57 0.93 15.29
N LEU B 227 -9.32 0.59 15.57
CA LEU B 227 -8.39 0.27 14.49
C LEU B 227 -8.60 -1.17 14.03
N ARG B 228 -8.42 -1.38 12.73
CA ARG B 228 -8.72 -2.68 12.14
C ARG B 228 -7.65 -3.71 12.50
N ILE B 229 -8.11 -4.96 12.64
CA ILE B 229 -7.19 -6.09 12.81
C ILE B 229 -7.06 -6.90 11.52
N ALA B 230 -8.00 -6.77 10.60
CA ALA B 230 -7.92 -7.41 9.30
C ALA B 230 -8.89 -6.69 8.36
N THR B 231 -8.77 -7.00 7.07
CA THR B 231 -9.63 -6.42 6.04
C THR B 231 -10.61 -7.45 5.49
N GLU B 232 -11.15 -8.29 6.37
CA GLU B 232 -12.03 -9.38 5.92
C GLU B 232 -13.38 -8.86 5.48
N LEU B 233 -14.05 -8.07 6.33
CA LEU B 233 -15.42 -7.67 6.03
C LEU B 233 -15.52 -6.74 4.82
N PRO B 234 -14.75 -5.64 4.73
CA PRO B 234 -14.95 -4.74 3.58
C PRO B 234 -14.61 -5.37 2.24
N LEU B 235 -13.66 -6.32 2.20
CA LEU B 235 -13.31 -6.95 0.93
C LEU B 235 -14.46 -7.79 0.40
N LYS B 236 -15.20 -8.47 1.28
CA LYS B 236 -16.34 -9.27 0.83
C LYS B 236 -17.45 -8.37 0.29
N MET B 237 -17.67 -7.22 0.92
CA MET B 237 -18.67 -6.27 0.43
C MET B 237 -18.38 -5.85 -1.00
N LEU B 238 -17.10 -5.80 -1.38
CA LEU B 238 -16.76 -5.40 -2.74
C LEU B 238 -17.09 -6.50 -3.75
N ILE B 239 -17.03 -7.77 -3.33
CA ILE B 239 -17.41 -8.84 -4.23
C ILE B 239 -18.91 -8.82 -4.51
N VAL B 240 -19.71 -8.46 -3.51
CA VAL B 240 -21.13 -8.23 -3.76
C VAL B 240 -21.31 -7.10 -4.76
N GLY B 241 -20.38 -6.15 -4.80
CA GLY B 241 -20.40 -5.07 -5.76
C GLY B 241 -19.99 -5.43 -7.17
N GLY B 242 -19.61 -6.68 -7.42
CA GLY B 242 -19.26 -7.14 -8.75
C GLY B 242 -17.80 -7.44 -8.96
N ILE B 243 -16.93 -7.07 -8.01
CA ILE B 243 -15.50 -7.31 -8.13
C ILE B 243 -15.21 -8.76 -7.73
N ASP B 244 -15.27 -9.68 -8.71
CA ASP B 244 -15.10 -11.09 -8.40
C ASP B 244 -13.69 -11.40 -7.93
N LYS B 245 -12.68 -10.83 -8.59
CA LYS B 245 -11.28 -11.05 -8.21
C LYS B 245 -10.77 -9.75 -7.59
N VAL B 246 -10.54 -9.77 -6.28
CA VAL B 246 -10.14 -8.59 -5.52
C VAL B 246 -9.10 -8.98 -4.48
N TYR B 247 -8.17 -8.07 -4.22
CA TYR B 247 -7.15 -8.27 -3.21
C TYR B 247 -6.77 -6.92 -2.61
N GLU B 248 -6.00 -6.97 -1.53
CA GLU B 248 -5.57 -5.77 -0.84
C GLU B 248 -4.34 -6.07 0.00
N ILE B 249 -3.33 -5.20 -0.08
CA ILE B 249 -2.11 -5.31 0.71
C ILE B 249 -1.96 -4.04 1.54
N GLY B 250 -1.78 -4.21 2.84
CA GLY B 250 -1.64 -3.06 3.72
C GLY B 250 -1.37 -3.50 5.14
N LYS B 251 -1.26 -2.50 6.01
CA LYS B 251 -0.96 -2.74 7.41
C LYS B 251 -2.24 -3.09 8.19
N VAL B 252 -2.07 -3.91 9.23
CA VAL B 252 -3.14 -4.23 10.17
C VAL B 252 -2.57 -4.14 11.58
N PHE B 253 -3.42 -3.78 12.53
CA PHE B 253 -3.00 -3.46 13.88
C PHE B 253 -3.50 -4.52 14.86
N ARG B 254 -2.63 -4.88 15.81
CA ARG B 254 -2.96 -5.84 16.85
C ARG B 254 -2.35 -5.35 18.15
N ASN B 255 -3.07 -5.57 19.26
CA ASN B 255 -2.62 -5.14 20.59
C ASN B 255 -2.29 -6.35 21.47
N GLU B 256 -1.59 -7.33 20.89
CA GLU B 256 -1.21 -8.54 21.60
C GLU B 256 0.20 -8.40 22.14
N GLY B 257 0.78 -9.51 22.59
CA GLY B 257 2.14 -9.49 23.11
C GLY B 257 3.17 -9.46 21.99
N ILE B 258 4.20 -8.64 22.19
CA ILE B 258 5.25 -8.49 21.20
C ILE B 258 6.18 -9.69 21.28
N ASP B 259 6.31 -10.41 20.16
CA ASP B 259 7.16 -11.59 20.09
C ASP B 259 8.13 -11.47 18.91
N ASN B 260 8.87 -12.54 18.62
CA ASN B 260 9.69 -12.58 17.42
C ASN B 260 8.87 -12.86 16.17
N THR B 261 7.63 -13.29 16.32
CA THR B 261 6.69 -13.43 15.21
C THR B 261 5.48 -12.53 15.36
N HIS B 262 5.42 -11.72 16.41
CA HIS B 262 4.30 -10.83 16.67
C HIS B 262 4.80 -9.39 16.72
N ASN B 263 4.01 -8.47 16.19
CA ASN B 263 4.36 -7.06 16.13
C ASN B 263 3.08 -6.25 16.28
N PRO B 264 3.15 -5.07 16.92
CA PRO B 264 1.94 -4.23 17.05
C PRO B 264 1.25 -3.93 15.72
N GLU B 265 2.02 -3.73 14.66
CA GLU B 265 1.46 -3.57 13.32
C GLU B 265 2.30 -4.36 12.33
N PHE B 266 1.63 -4.88 11.29
CA PHE B 266 2.32 -5.67 10.29
C PHE B 266 1.52 -5.63 9.00
N THR B 267 2.18 -5.99 7.91
CA THR B 267 1.57 -5.94 6.58
C THR B 267 0.73 -7.18 6.35
N SER B 268 -0.53 -6.98 5.97
CA SER B 268 -1.45 -8.07 5.67
C SER B 268 -1.69 -8.15 4.17
N CYS B 269 -2.30 -9.26 3.75
CA CYS B 269 -2.66 -9.45 2.35
C CYS B 269 -3.81 -10.45 2.30
N GLU B 270 -4.96 -10.02 1.79
CA GLU B 270 -6.14 -10.87 1.69
C GLU B 270 -6.74 -10.71 0.30
N PHE B 271 -6.94 -11.83 -0.39
CA PHE B 271 -7.66 -11.85 -1.66
C PHE B 271 -8.88 -12.74 -1.52
N TYR B 272 -9.89 -12.47 -2.36
CA TYR B 272 -11.14 -13.21 -2.34
C TYR B 272 -11.50 -13.58 -3.77
N TRP B 273 -11.63 -14.88 -4.03
CA TRP B 273 -11.80 -15.43 -5.37
C TRP B 273 -13.21 -15.97 -5.51
N ALA B 274 -14.01 -15.34 -6.37
CA ALA B 274 -15.38 -15.78 -6.58
C ALA B 274 -15.41 -17.09 -7.36
N TYR B 275 -16.37 -17.95 -7.02
CA TYR B 275 -16.55 -19.26 -7.66
C TYR B 275 -15.32 -20.16 -7.48
N ALA B 276 -14.58 -19.94 -6.39
CA ALA B 276 -13.42 -20.75 -6.06
C ALA B 276 -13.73 -21.60 -4.83
N ASP B 277 -13.31 -22.86 -4.87
CA ASP B 277 -13.63 -23.81 -3.82
C ASP B 277 -12.41 -24.04 -2.93
N TYR B 278 -12.42 -25.16 -2.18
CA TYR B 278 -11.32 -25.45 -1.27
C TYR B 278 -10.06 -25.85 -2.03
N ASN B 279 -10.21 -26.56 -3.15
CA ASN B 279 -9.05 -26.99 -3.91
C ASN B 279 -8.41 -25.85 -4.70
N ASP B 280 -9.19 -24.85 -5.10
CA ASP B 280 -8.63 -23.71 -5.80
C ASP B 280 -7.66 -22.93 -4.92
N LEU B 281 -7.87 -22.96 -3.60
CA LEU B 281 -7.02 -22.22 -2.69
C LEU B 281 -5.67 -22.91 -2.49
N ILE B 282 -5.69 -24.22 -2.20
CA ILE B 282 -4.45 -24.94 -1.99
C ILE B 282 -3.64 -25.00 -3.28
N LYS B 283 -4.32 -25.12 -4.42
CA LYS B 283 -3.63 -25.05 -5.70
C LYS B 283 -3.02 -23.67 -5.93
N TRP B 284 -3.67 -22.63 -5.42
CA TRP B 284 -3.10 -21.28 -5.52
C TRP B 284 -1.95 -21.10 -4.53
N SER B 285 -2.08 -21.69 -3.33
CA SER B 285 -1.05 -21.52 -2.32
C SER B 285 0.23 -22.28 -2.70
N GLU B 286 0.07 -23.53 -3.15
CA GLU B 286 1.24 -24.32 -3.53
C GLU B 286 1.96 -23.73 -4.73
N ASP B 287 1.23 -23.06 -5.62
CA ASP B 287 1.87 -22.40 -6.76
C ASP B 287 2.55 -21.10 -6.36
N PHE B 288 2.03 -20.41 -5.34
CA PHE B 288 2.58 -19.12 -4.97
C PHE B 288 3.89 -19.25 -4.21
N PHE B 289 3.91 -20.06 -3.14
CA PHE B 289 5.11 -20.19 -2.32
C PHE B 289 6.24 -20.88 -3.09
N SER B 290 5.90 -21.88 -3.91
CA SER B 290 6.93 -22.60 -4.65
C SER B 290 7.59 -21.71 -5.69
N GLN B 291 6.78 -21.00 -6.49
CA GLN B 291 7.34 -20.14 -7.52
C GLN B 291 8.05 -18.92 -6.91
N LEU B 292 7.66 -18.52 -5.70
CA LEU B 292 8.30 -17.37 -5.06
C LEU B 292 9.75 -17.68 -4.71
N VAL B 293 9.98 -18.76 -3.95
CA VAL B 293 11.33 -19.09 -3.54
C VAL B 293 12.19 -19.46 -4.74
N TYR B 294 11.57 -19.97 -5.81
CA TYR B 294 12.32 -20.22 -7.04
C TYR B 294 12.59 -18.92 -7.79
N HIS B 295 11.71 -17.94 -7.67
CA HIS B 295 11.94 -16.63 -8.27
C HIS B 295 13.05 -15.87 -7.57
N LEU B 296 13.34 -16.20 -6.31
CA LEU B 296 14.35 -15.51 -5.52
C LEU B 296 15.68 -16.25 -5.51
N PHE B 297 15.67 -17.52 -5.10
CA PHE B 297 16.90 -18.28 -4.92
C PHE B 297 17.18 -19.28 -6.04
N GLY B 298 16.28 -19.38 -7.03
CA GLY B 298 16.48 -20.32 -8.11
C GLY B 298 16.34 -21.78 -7.73
N THR B 299 15.86 -22.08 -6.53
CA THR B 299 15.67 -23.45 -6.09
C THR B 299 14.59 -23.47 -5.01
N TYR B 300 13.81 -24.55 -5.00
CA TYR B 300 12.74 -24.69 -4.02
C TYR B 300 13.26 -25.02 -2.62
N LYS B 301 14.51 -25.43 -2.48
CA LYS B 301 15.11 -25.75 -1.20
C LYS B 301 15.90 -24.54 -0.72
N ILE B 302 15.59 -24.06 0.49
CA ILE B 302 16.28 -22.91 1.06
C ILE B 302 16.88 -23.32 2.39
N SER B 303 17.93 -22.60 2.78
CA SER B 303 18.56 -22.77 4.08
C SER B 303 18.02 -21.72 5.04
N TYR B 304 17.76 -22.15 6.28
CA TYR B 304 17.16 -21.26 7.27
C TYR B 304 17.60 -21.71 8.66
N ASN B 305 18.41 -20.90 9.33
CA ASN B 305 18.81 -21.18 10.70
C ASN B 305 17.61 -21.04 11.62
N LYS B 306 16.92 -22.14 11.89
CA LYS B 306 15.73 -22.09 12.72
C LYS B 306 16.05 -21.69 14.16
N ASP B 307 17.19 -22.14 14.66
CA ASP B 307 17.59 -21.88 16.05
C ASP B 307 18.65 -20.78 16.13
N GLY B 308 18.38 -19.64 15.47
CA GLY B 308 19.28 -18.53 15.50
C GLY B 308 20.55 -18.77 14.72
N PRO B 309 21.36 -17.72 14.55
CA PRO B 309 22.63 -17.86 13.81
C PRO B 309 23.71 -18.62 14.57
N GLU B 310 23.41 -19.14 15.75
CA GLU B 310 24.40 -19.86 16.55
C GLU B 310 24.36 -21.36 16.32
N ASN B 311 23.30 -21.89 15.74
CA ASN B 311 23.13 -23.33 15.54
C ASN B 311 23.00 -23.64 14.06
N GLN B 312 22.98 -24.94 13.75
CA GLN B 312 22.87 -25.38 12.37
C GLN B 312 21.50 -25.03 11.80
N PRO B 313 21.42 -24.81 10.49
CA PRO B 313 20.12 -24.54 9.86
C PRO B 313 19.35 -25.83 9.62
N ILE B 314 18.15 -25.69 9.09
CA ILE B 314 17.32 -26.81 8.66
C ILE B 314 16.82 -26.52 7.25
N GLU B 315 16.79 -27.55 6.43
CA GLU B 315 16.40 -27.40 5.03
C GLU B 315 14.89 -27.35 4.91
N ILE B 316 14.37 -26.28 4.33
CA ILE B 316 12.95 -26.12 4.08
C ILE B 316 12.70 -26.32 2.58
N ASP B 317 11.95 -27.36 2.26
CA ASP B 317 11.68 -27.73 0.86
C ASP B 317 10.32 -27.19 0.46
N PHE B 318 10.30 -26.32 -0.55
CA PHE B 318 9.06 -25.73 -1.05
C PHE B 318 8.61 -26.40 -2.34
N THR B 319 8.50 -27.73 -2.31
CA THR B 319 8.11 -28.48 -3.50
C THR B 319 6.67 -28.95 -3.36
N PRO B 320 5.76 -28.51 -4.22
CA PRO B 320 4.38 -29.00 -4.14
C PRO B 320 4.30 -30.46 -4.53
N PRO B 321 3.30 -31.19 -4.03
CA PRO B 321 2.28 -30.69 -3.09
C PRO B 321 2.75 -30.75 -1.64
N TYR B 322 2.21 -29.86 -0.82
CA TYR B 322 2.53 -29.84 0.60
C TYR B 322 1.61 -30.78 1.36
N PRO B 323 2.10 -31.38 2.44
CA PRO B 323 1.29 -32.36 3.19
C PRO B 323 0.05 -31.71 3.77
N LYS B 324 -1.10 -32.33 3.50
CA LYS B 324 -2.38 -31.90 4.05
C LYS B 324 -2.64 -32.67 5.33
N VAL B 325 -3.07 -31.96 6.37
CA VAL B 325 -3.34 -32.56 7.68
C VAL B 325 -4.68 -32.03 8.18
N SER B 326 -5.56 -32.94 8.61
CA SER B 326 -6.80 -32.55 9.26
C SER B 326 -6.57 -32.36 10.74
N ILE B 327 -7.17 -31.32 11.31
CA ILE B 327 -6.86 -30.93 12.68
C ILE B 327 -7.51 -31.90 13.67
N VAL B 328 -8.80 -32.17 13.51
CA VAL B 328 -9.50 -33.02 14.47
C VAL B 328 -9.11 -34.48 14.28
N GLU B 329 -8.70 -34.86 13.07
CA GLU B 329 -8.35 -36.25 12.80
C GLU B 329 -6.96 -36.58 13.33
N GLU B 330 -6.03 -35.63 13.26
CA GLU B 330 -4.66 -35.89 13.72
C GLU B 330 -4.58 -35.85 15.25
N ILE B 331 -5.33 -34.96 15.88
CA ILE B 331 -5.30 -34.85 17.34
C ILE B 331 -5.82 -36.13 17.99
N GLU B 332 -6.90 -36.69 17.45
CA GLU B 332 -7.50 -37.89 18.00
C GLU B 332 -6.73 -39.15 17.67
N LYS B 333 -5.59 -39.04 16.96
CA LYS B 333 -4.73 -40.18 16.67
C LYS B 333 -3.47 -40.20 17.50
N VAL B 334 -2.79 -39.05 17.63
CA VAL B 334 -1.57 -38.99 18.42
C VAL B 334 -1.82 -39.22 19.89
N THR B 335 -3.05 -38.96 20.37
CA THR B 335 -3.40 -39.19 21.76
C THR B 335 -4.45 -40.28 21.94
N ASN B 336 -5.09 -40.73 20.86
CA ASN B 336 -6.15 -41.74 20.92
C ASN B 336 -7.26 -41.31 21.87
N THR B 337 -7.64 -40.03 21.78
CA THR B 337 -8.76 -39.48 22.54
C THR B 337 -9.82 -39.06 21.53
N ILE B 338 -10.85 -39.89 21.38
CA ILE B 338 -11.89 -39.65 20.38
C ILE B 338 -12.77 -38.51 20.87
N LEU B 339 -12.73 -37.38 20.18
CA LEU B 339 -13.58 -36.23 20.49
C LEU B 339 -14.80 -36.26 19.58
N GLU B 340 -15.95 -36.59 20.16
CA GLU B 340 -17.19 -36.67 19.40
C GLU B 340 -17.92 -35.33 19.41
N GLN B 341 -18.46 -34.96 18.26
CA GLN B 341 -19.19 -33.70 18.16
C GLN B 341 -20.53 -33.82 18.89
N PRO B 342 -21.07 -32.69 19.40
CA PRO B 342 -20.51 -31.33 19.36
C PRO B 342 -19.33 -31.13 20.30
N PHE B 343 -18.36 -30.31 19.88
CA PHE B 343 -17.19 -30.05 20.70
C PHE B 343 -17.50 -29.17 21.90
N ASP B 344 -18.51 -28.30 21.78
CA ASP B 344 -18.91 -27.42 22.86
C ASP B 344 -19.78 -28.12 23.90
N SER B 345 -19.79 -29.45 23.93
CA SER B 345 -20.51 -30.20 24.94
C SER B 345 -19.66 -30.23 26.22
N ASN B 346 -20.04 -31.09 27.18
CA ASN B 346 -19.29 -31.23 28.41
C ASN B 346 -18.55 -32.55 28.53
N GLU B 347 -18.95 -33.56 27.75
CA GLU B 347 -18.24 -34.84 27.78
C GLU B 347 -16.86 -34.73 27.12
N THR B 348 -16.74 -33.88 26.10
CA THR B 348 -15.50 -33.76 25.34
C THR B 348 -14.71 -32.51 25.68
N ILE B 349 -15.34 -31.47 26.24
CA ILE B 349 -14.60 -30.24 26.54
C ILE B 349 -13.58 -30.49 27.64
N GLU B 350 -13.85 -31.43 28.55
CA GLU B 350 -12.87 -31.82 29.55
C GLU B 350 -12.14 -33.11 29.19
N LYS B 351 -12.60 -33.82 28.15
CA LYS B 351 -11.81 -34.92 27.62
C LYS B 351 -10.49 -34.42 27.06
N MET B 352 -10.46 -33.20 26.56
CA MET B 352 -9.22 -32.56 26.12
C MET B 352 -8.59 -31.67 27.17
N ILE B 353 -9.34 -31.28 28.20
CA ILE B 353 -8.72 -30.57 29.32
C ILE B 353 -7.86 -31.53 30.13
N ASN B 354 -8.27 -32.79 30.24
CA ASN B 354 -7.51 -33.80 30.95
C ASN B 354 -6.35 -34.36 30.12
N ILE B 355 -6.01 -33.73 29.00
CA ILE B 355 -4.86 -34.16 28.21
C ILE B 355 -3.95 -32.96 27.93
N ILE B 356 -4.40 -31.76 28.28
CA ILE B 356 -3.56 -30.57 28.14
C ILE B 356 -2.81 -30.27 29.43
N LYS B 357 -3.49 -30.38 30.57
CA LYS B 357 -2.79 -30.28 31.85
C LYS B 357 -2.09 -31.57 32.22
N GLU B 358 -2.52 -32.71 31.66
CA GLU B 358 -1.85 -33.97 31.85
C GLU B 358 -0.56 -34.07 31.04
N HIS B 359 -0.42 -33.25 30.00
CA HIS B 359 0.79 -33.22 29.18
C HIS B 359 1.65 -32.00 29.47
N LYS B 360 1.42 -31.33 30.60
CA LYS B 360 2.22 -30.18 31.04
C LYS B 360 2.17 -29.04 30.02
N ILE B 361 0.95 -28.61 29.70
CA ILE B 361 0.73 -27.50 28.78
C ILE B 361 -0.14 -26.46 29.49
N GLU B 362 0.16 -25.19 29.25
CA GLU B 362 -0.58 -24.11 29.90
C GLU B 362 -2.05 -24.14 29.51
N LEU B 363 -2.92 -23.99 30.51
CA LEU B 363 -4.35 -24.00 30.26
C LEU B 363 -4.80 -22.63 29.76
N PRO B 364 -5.55 -22.56 28.66
CA PRO B 364 -6.01 -21.26 28.17
C PRO B 364 -7.37 -20.87 28.74
N ASN B 365 -7.42 -19.77 29.49
CA ASN B 365 -8.67 -19.28 30.06
C ASN B 365 -9.25 -18.21 29.15
N PRO B 366 -10.55 -18.27 28.80
CA PRO B 366 -11.49 -19.32 29.19
C PRO B 366 -11.28 -20.62 28.40
N PRO B 367 -11.60 -21.77 29.02
CA PRO B 367 -11.42 -23.08 28.38
C PRO B 367 -12.52 -23.44 27.38
N THR B 368 -12.76 -22.55 26.43
CA THR B 368 -13.76 -22.82 25.40
C THR B 368 -13.24 -23.83 24.39
N ALA B 369 -14.18 -24.55 23.77
CA ALA B 369 -13.80 -25.62 22.84
C ALA B 369 -13.00 -25.09 21.66
N ALA B 370 -13.20 -23.82 21.29
CA ALA B 370 -12.44 -23.24 20.18
C ALA B 370 -10.97 -23.05 20.55
N LYS B 371 -10.69 -22.54 21.75
CA LYS B 371 -9.33 -22.28 22.16
C LYS B 371 -8.62 -23.53 22.66
N LEU B 372 -9.36 -24.56 23.08
CA LEU B 372 -8.71 -25.81 23.50
C LEU B 372 -8.14 -26.54 22.29
N LEU B 373 -8.91 -26.63 21.21
CA LEU B 373 -8.40 -27.26 19.99
C LEU B 373 -7.25 -26.45 19.38
N ASP B 374 -7.21 -25.15 19.66
CA ASP B 374 -6.11 -24.33 19.14
C ASP B 374 -4.80 -24.70 19.82
N GLN B 375 -4.80 -24.78 21.15
CA GLN B 375 -3.57 -25.17 21.86
C GLN B 375 -3.24 -26.64 21.64
N LEU B 376 -4.25 -27.49 21.46
CA LEU B 376 -3.99 -28.89 21.16
C LEU B 376 -3.35 -29.06 19.79
N ALA B 377 -3.73 -28.22 18.82
CA ALA B 377 -3.09 -28.26 17.51
C ALA B 377 -1.73 -27.59 17.51
N SER B 378 -1.54 -26.60 18.39
CA SER B 378 -0.27 -25.88 18.46
C SER B 378 0.82 -26.66 19.16
N HIS B 379 0.50 -27.79 19.79
CA HIS B 379 1.48 -28.61 20.48
C HIS B 379 1.60 -30.02 19.93
N PHE B 380 0.79 -30.39 18.93
CA PHE B 380 0.80 -31.74 18.38
C PHE B 380 0.87 -31.80 16.87
N ILE B 381 0.65 -30.70 16.15
CA ILE B 381 0.60 -30.73 14.70
C ILE B 381 1.53 -29.67 14.12
N GLU B 382 1.68 -28.54 14.82
CA GLU B 382 2.41 -27.41 14.26
C GLU B 382 3.87 -27.77 14.00
N ASN B 383 4.60 -28.21 15.02
CA ASN B 383 6.01 -28.57 14.86
C ASN B 383 6.14 -30.05 14.48
N LYS B 384 5.56 -30.37 13.33
CA LYS B 384 5.60 -31.73 12.78
C LYS B 384 6.47 -31.84 11.55
N TYR B 385 6.27 -30.98 10.56
CA TYR B 385 7.03 -31.02 9.31
C TYR B 385 7.77 -29.70 9.15
N ASN B 386 9.06 -29.69 9.53
CA ASN B 386 9.92 -28.53 9.32
C ASN B 386 10.74 -28.64 8.03
N ASP B 387 10.91 -29.86 7.50
CA ASP B 387 11.60 -30.03 6.23
C ASP B 387 10.82 -29.39 5.07
N LYS B 388 9.51 -29.22 5.22
CA LYS B 388 8.70 -28.61 4.17
C LYS B 388 7.43 -28.07 4.81
N PRO B 389 6.85 -27.00 4.26
CA PRO B 389 5.60 -26.48 4.82
C PRO B 389 4.46 -27.45 4.59
N PHE B 390 3.47 -27.38 5.49
CA PHE B 390 2.33 -28.28 5.45
C PHE B 390 1.06 -27.48 5.72
N PHE B 391 -0.08 -28.13 5.49
CA PHE B 391 -1.39 -27.53 5.68
C PHE B 391 -2.12 -28.20 6.82
N ILE B 392 -2.82 -27.40 7.62
CA ILE B 392 -3.78 -27.90 8.60
C ILE B 392 -5.16 -27.56 8.06
N VAL B 393 -5.89 -28.57 7.59
CA VAL B 393 -7.12 -28.37 6.86
C VAL B 393 -8.30 -28.91 7.66
N GLU B 394 -9.51 -28.56 7.21
CA GLU B 394 -10.77 -29.08 7.76
C GLU B 394 -10.91 -28.73 9.24
N HIS B 395 -10.91 -27.43 9.52
CA HIS B 395 -11.08 -26.96 10.89
C HIS B 395 -12.51 -27.16 11.35
N PRO B 396 -12.74 -27.28 12.66
CA PRO B 396 -14.11 -27.29 13.18
C PRO B 396 -14.78 -25.94 12.98
N GLN B 397 -16.11 -25.98 12.92
CA GLN B 397 -16.88 -24.76 12.71
C GLN B 397 -16.88 -23.86 13.94
N ILE B 398 -16.51 -24.38 15.10
CA ILE B 398 -16.43 -23.53 16.29
C ILE B 398 -15.23 -22.60 16.20
N MET B 399 -14.16 -23.02 15.50
CA MET B 399 -12.96 -22.20 15.40
C MET B 399 -13.07 -21.15 14.30
N SER B 400 -13.76 -21.46 13.21
CA SER B 400 -13.89 -20.56 12.06
C SER B 400 -15.35 -20.18 11.87
N PRO B 401 -15.81 -19.10 12.52
CA PRO B 401 -17.21 -18.69 12.37
C PRO B 401 -17.53 -18.03 11.04
N LEU B 402 -16.56 -17.88 10.14
CA LEU B 402 -16.79 -17.25 8.85
C LEU B 402 -16.53 -18.20 7.68
N ALA B 403 -16.33 -19.49 7.95
CA ALA B 403 -16.05 -20.47 6.92
C ALA B 403 -17.30 -21.30 6.63
N LYS B 404 -17.52 -21.61 5.35
CA LYS B 404 -18.71 -22.35 4.94
C LYS B 404 -18.65 -23.79 5.44
N TYR B 405 -19.82 -24.38 5.62
CA TYR B 405 -19.92 -25.78 6.02
C TYR B 405 -19.18 -26.68 5.04
N HIS B 406 -18.67 -27.80 5.55
CA HIS B 406 -18.03 -28.79 4.69
C HIS B 406 -19.07 -29.49 3.83
N ARG B 407 -18.62 -29.96 2.66
CA ARG B 407 -19.55 -30.56 1.71
C ARG B 407 -20.16 -31.85 2.26
N THR B 408 -19.35 -32.68 2.91
CA THR B 408 -19.82 -33.97 3.41
C THR B 408 -19.57 -34.13 4.91
N LYS B 409 -18.38 -33.81 5.39
CA LYS B 409 -18.03 -34.07 6.77
C LYS B 409 -18.76 -33.09 7.69
N PRO B 410 -19.50 -33.58 8.69
CA PRO B 410 -20.23 -32.67 9.57
C PRO B 410 -19.33 -32.03 10.62
N GLY B 411 -19.74 -30.85 11.06
CA GLY B 411 -19.04 -30.15 12.12
C GLY B 411 -17.76 -29.47 11.69
N LEU B 412 -17.24 -29.85 10.53
CA LEU B 412 -16.00 -29.30 10.01
C LEU B 412 -16.30 -28.30 8.90
N THR B 413 -15.25 -27.68 8.38
CA THR B 413 -15.37 -26.72 7.29
C THR B 413 -14.23 -26.95 6.31
N GLU B 414 -14.09 -26.04 5.36
CA GLU B 414 -13.04 -26.10 4.34
C GLU B 414 -11.90 -25.12 4.64
N ARG B 415 -11.60 -24.92 5.92
CA ARG B 415 -10.53 -24.01 6.31
C ARG B 415 -9.18 -24.71 6.20
N LEU B 416 -8.16 -23.95 5.82
CA LEU B 416 -6.80 -24.46 5.69
C LEU B 416 -5.82 -23.42 6.21
N GLU B 417 -4.78 -23.89 6.92
CA GLU B 417 -3.73 -23.02 7.44
C GLU B 417 -2.39 -23.64 7.11
N MET B 418 -1.53 -22.87 6.45
CA MET B 418 -0.19 -23.33 6.08
C MET B 418 0.81 -22.87 7.13
N PHE B 419 1.68 -23.80 7.55
CA PHE B 419 2.67 -23.53 8.59
C PHE B 419 4.06 -23.79 8.05
N ILE B 420 5.00 -22.89 8.38
CA ILE B 420 6.41 -23.05 8.07
C ILE B 420 7.17 -23.04 9.38
N CYS B 421 7.89 -24.14 9.65
CA CYS B 421 8.59 -24.33 10.92
C CYS B 421 7.67 -24.17 12.12
N GLY B 422 6.39 -24.50 11.93
CA GLY B 422 5.44 -24.45 13.04
C GLY B 422 4.81 -23.11 13.29
N LYS B 423 4.91 -22.16 12.35
CA LYS B 423 4.35 -20.83 12.51
C LYS B 423 3.35 -20.56 11.39
N GLU B 424 2.15 -20.13 11.75
CA GLU B 424 1.11 -19.88 10.77
C GLU B 424 1.45 -18.66 9.91
N VAL B 425 1.36 -18.83 8.59
CA VAL B 425 1.67 -17.76 7.66
C VAL B 425 0.53 -17.61 6.65
N LEU B 426 -0.43 -18.53 6.70
CA LEU B 426 -1.53 -18.53 5.75
C LEU B 426 -2.79 -19.04 6.44
N ASN B 427 -3.93 -18.44 6.07
CA ASN B 427 -5.22 -18.84 6.62
C ASN B 427 -6.27 -18.61 5.55
N ALA B 428 -6.91 -19.69 5.08
CA ALA B 428 -7.84 -19.61 3.98
C ALA B 428 -9.01 -20.56 4.21
N TYR B 429 -10.18 -20.14 3.71
CA TYR B 429 -11.37 -20.98 3.75
C TYR B 429 -12.39 -20.44 2.75
N THR B 430 -13.30 -21.32 2.35
CA THR B 430 -14.43 -20.90 1.53
C THR B 430 -15.42 -20.12 2.37
N GLU B 431 -15.80 -18.94 1.91
CA GLU B 431 -16.62 -18.04 2.71
C GLU B 431 -18.04 -18.59 2.87
N LEU B 432 -18.64 -18.27 4.01
CA LEU B 432 -20.01 -18.68 4.32
C LEU B 432 -20.96 -17.61 3.81
N ASN B 433 -21.60 -17.87 2.66
CA ASN B 433 -22.50 -16.93 2.03
C ASN B 433 -23.97 -17.21 2.37
N ASP B 434 -24.23 -17.71 3.57
CA ASP B 434 -25.60 -17.99 4.00
C ASP B 434 -25.96 -17.08 5.17
N PRO B 435 -26.82 -16.07 4.96
CA PRO B 435 -27.19 -15.20 6.09
C PRO B 435 -27.98 -15.91 7.17
N PHE B 436 -28.66 -17.02 6.84
CA PHE B 436 -29.46 -17.72 7.83
C PHE B 436 -28.63 -18.70 8.64
N LYS B 437 -27.62 -19.32 8.01
CA LYS B 437 -26.68 -20.20 8.71
C LYS B 437 -25.51 -19.44 9.30
N GLN B 438 -25.70 -18.16 9.64
CA GLN B 438 -24.65 -17.34 10.21
C GLN B 438 -24.73 -17.37 11.74
N LYS B 439 -23.58 -17.17 12.37
CA LYS B 439 -23.47 -17.21 13.82
C LYS B 439 -23.56 -15.83 14.47
N GLU B 440 -23.06 -14.80 13.80
CA GLU B 440 -22.93 -13.48 14.41
C GLU B 440 -24.10 -12.55 14.13
N CYS B 441 -24.81 -12.75 13.02
CA CYS B 441 -25.94 -11.86 12.71
C CYS B 441 -27.17 -12.11 13.58
N PHE B 442 -27.09 -12.96 14.59
CA PHE B 442 -28.21 -13.22 15.50
C PHE B 442 -27.98 -12.54 16.85
N LEU B 459 -19.04 -8.98 14.39
CA LEU B 459 -19.39 -8.60 13.02
C LEU B 459 -20.50 -7.56 13.01
N ASP B 460 -20.32 -6.51 12.22
CA ASP B 460 -21.29 -5.44 12.15
C ASP B 460 -22.42 -5.78 11.19
N SER B 461 -23.53 -5.05 11.34
CA SER B 461 -24.66 -5.23 10.44
C SER B 461 -24.36 -4.76 9.02
N ALA B 462 -23.33 -3.91 8.86
CA ALA B 462 -22.93 -3.50 7.51
C ALA B 462 -22.48 -4.69 6.67
N PHE B 463 -21.89 -5.70 7.31
CA PHE B 463 -21.52 -6.92 6.61
C PHE B 463 -22.65 -7.95 6.57
N CYS B 464 -23.44 -8.03 7.66
CA CYS B 464 -24.58 -8.94 7.65
C CYS B 464 -25.62 -8.53 6.62
N THR B 465 -25.78 -7.22 6.39
CA THR B 465 -26.68 -6.76 5.34
C THR B 465 -26.08 -6.93 3.95
N SER B 466 -24.74 -6.94 3.86
CA SER B 466 -24.10 -7.14 2.57
C SER B 466 -24.36 -8.54 2.03
N LEU B 467 -24.41 -9.54 2.91
CA LEU B 467 -24.71 -10.90 2.47
C LEU B 467 -26.16 -11.05 2.03
N GLU B 468 -27.06 -10.29 2.63
CA GLU B 468 -28.47 -10.36 2.28
C GLU B 468 -28.74 -9.93 0.84
N TYR B 469 -27.81 -9.19 0.24
CA TYR B 469 -27.93 -8.80 -1.16
C TYR B 469 -27.35 -9.84 -2.11
N GLY B 470 -26.64 -10.85 -1.59
CA GLY B 470 -26.15 -11.92 -2.43
C GLY B 470 -24.64 -11.97 -2.55
N LEU B 471 -24.03 -12.97 -1.93
CA LEU B 471 -22.60 -13.22 -2.07
C LEU B 471 -22.37 -14.52 -2.82
N PRO B 472 -21.61 -14.51 -3.91
CA PRO B 472 -21.38 -15.75 -4.66
C PRO B 472 -20.51 -16.70 -3.85
N PRO B 473 -20.49 -17.99 -4.21
CA PRO B 473 -19.61 -18.94 -3.52
C PRO B 473 -18.15 -18.53 -3.62
N THR B 474 -17.65 -17.84 -2.61
CA THR B 474 -16.33 -17.22 -2.63
C THR B 474 -15.39 -17.92 -1.66
N GLY B 475 -14.12 -18.01 -2.06
CA GLY B 475 -13.08 -18.49 -1.18
C GLY B 475 -12.04 -17.41 -0.89
N GLY B 476 -11.75 -17.17 0.38
CA GLY B 476 -10.80 -16.16 0.79
C GLY B 476 -9.50 -16.75 1.31
N LEU B 477 -8.51 -15.87 1.44
CA LEU B 477 -7.19 -16.29 1.91
C LEU B 477 -6.47 -15.08 2.48
N GLY B 478 -5.72 -15.30 3.55
CA GLY B 478 -4.91 -14.25 4.15
C GLY B 478 -3.48 -14.70 4.29
N LEU B 479 -2.57 -13.74 4.18
CA LEU B 479 -1.14 -14.02 4.19
C LEU B 479 -0.44 -13.16 5.25
N GLY B 480 0.63 -13.71 5.80
CA GLY B 480 1.47 -12.96 6.71
C GLY B 480 2.80 -12.62 6.08
N ILE B 481 2.89 -11.45 5.47
CA ILE B 481 4.08 -11.08 4.70
C ILE B 481 5.27 -10.88 5.63
N ASP B 482 5.04 -10.33 6.82
CA ASP B 482 6.14 -10.09 7.75
C ASP B 482 6.71 -11.40 8.29
N ARG B 483 5.88 -12.44 8.40
CA ARG B 483 6.38 -13.75 8.80
C ARG B 483 7.02 -14.48 7.63
N ILE B 484 6.52 -14.27 6.41
CA ILE B 484 7.08 -14.94 5.24
C ILE B 484 8.51 -14.50 5.00
N THR B 485 8.77 -13.19 5.14
CA THR B 485 10.12 -12.66 4.93
C THR B 485 11.11 -13.18 5.96
N MET B 486 10.64 -13.57 7.15
CA MET B 486 11.54 -14.11 8.17
C MET B 486 12.17 -15.42 7.70
N PHE B 487 11.35 -16.32 7.16
CA PHE B 487 11.85 -17.61 6.70
C PHE B 487 12.61 -17.49 5.38
N LEU B 488 12.28 -16.49 4.56
CA LEU B 488 12.93 -16.29 3.28
C LEU B 488 14.15 -15.39 3.38
N THR B 489 14.65 -15.12 4.57
CA THR B 489 15.83 -14.28 4.74
C THR B 489 16.72 -14.80 5.87
N ASN B 490 16.44 -15.99 6.40
CA ASN B 490 17.25 -16.61 7.44
C ASN B 490 17.26 -15.75 8.72
N LYS B 491 16.13 -15.11 9.00
CA LYS B 491 15.98 -14.24 10.16
C LYS B 491 14.95 -14.84 11.11
N ASN B 492 15.19 -14.67 12.41
CA ASN B 492 14.33 -15.23 13.44
C ASN B 492 13.46 -14.21 14.15
N SER B 493 13.69 -12.92 13.94
CA SER B 493 12.97 -11.87 14.64
C SER B 493 12.06 -11.11 13.68
N ILE B 494 10.99 -10.53 14.24
CA ILE B 494 10.08 -9.71 13.45
C ILE B 494 10.64 -8.31 13.24
N LYS B 495 11.55 -7.87 14.10
CA LYS B 495 12.16 -6.55 13.96
C LYS B 495 13.27 -6.52 12.92
N ASP B 496 13.69 -7.68 12.42
CA ASP B 496 14.68 -7.72 11.36
C ASP B 496 14.06 -7.56 9.98
N VAL B 497 12.78 -7.88 9.82
CA VAL B 497 12.12 -7.85 8.52
C VAL B 497 11.29 -6.60 8.31
N ILE B 498 11.24 -5.70 9.30
CA ILE B 498 10.56 -4.42 9.13
C ILE B 498 11.55 -3.31 9.46
N LEU B 499 11.27 -2.13 8.91
CA LEU B 499 12.23 -1.02 8.96
C LEU B 499 12.32 -0.43 10.37
N PHE B 500 11.22 0.17 10.85
CA PHE B 500 11.20 0.84 12.14
C PHE B 500 10.20 0.13 13.05
N PRO B 501 10.61 -0.96 13.70
CA PRO B 501 9.71 -1.64 14.63
C PRO B 501 9.41 -0.77 15.84
N THR B 502 8.25 -1.03 16.45
CA THR B 502 7.85 -0.30 17.65
C THR B 502 8.77 -0.67 18.80
N MET B 503 9.45 0.33 19.36
CA MET B 503 10.40 0.13 20.44
C MET B 503 10.00 0.97 21.65
N ARG B 504 10.59 0.62 22.80
CA ARG B 504 10.32 1.33 24.05
C ARG B 504 11.42 2.35 24.31
N PRO B 505 11.08 3.60 24.65
CA PRO B 505 12.06 4.64 24.96
C PRO B 505 12.97 4.26 26.14
N E5R C . -1.88 17.17 -0.04
C E5R C . -7.25 15.26 2.89
O E5R C . -7.90 14.44 2.04
C1 E5R C . -7.63 15.37 4.21
C10 E5R C . 0.32 16.09 -1.01
C11 E5R C . -0.26 15.40 0.19
C12 E5R C . 0.81 14.88 1.13
C13 E5R C . -1.17 16.34 0.90
C14 E5R C . -6.17 15.98 2.38
C15 E5R C . -5.91 15.92 1.01
C2 E5R C . -6.92 16.21 5.04
C3 E5R C . -5.83 16.90 4.57
C4 E5R C . -5.44 16.78 3.24
C5 E5R C . -4.27 17.54 2.68
C6 E5R C . -3.77 16.92 1.41
C7 E5R C . -2.95 17.91 0.63
C8 E5R C . -0.98 18.14 -0.65
C9 E5R C . 0.38 17.59 -0.81
O1 E5R C . -7.38 16.44 6.30
O2 E5R C . -4.88 16.62 0.53
O3 E5R C . -6.55 15.28 0.24
N LYS D . 4.88 15.47 3.67
CA LYS D . 4.48 16.46 2.68
C LYS D . 2.98 16.76 2.78
O LYS D . 2.25 16.09 3.52
CB LYS D . 4.82 15.98 1.28
CG LYS D . 6.31 15.85 1.02
CD LYS D . 7.00 17.20 1.03
CE LYS D . 8.47 17.09 0.68
NZ LYS D . 9.23 16.35 1.72
OXT LYS D . 2.48 17.68 2.13
N E5R E . -1.05 -14.12 10.24
C E5R E . 1.69 -10.16 14.64
O E5R E . 2.79 -9.56 14.15
C1 E5R E . 1.14 -9.64 15.80
C10 E5R E . -2.91 -14.49 8.12
C11 E5R E . -2.58 -13.12 8.65
C12 E5R E . -3.74 -12.14 8.49
C13 E5R E . -2.19 -13.25 10.06
C14 E5R E . 1.10 -11.24 13.99
C15 E5R E . 1.67 -11.75 12.78
C2 E5R E . 0.00 -10.22 16.33
C3 E5R E . -0.59 -11.31 15.69
C4 E5R E . -0.06 -11.81 14.52
C5 E5R E . -0.72 -12.94 13.78
C6 E5R E . -0.38 -12.91 12.32
C7 E5R E . -0.69 -14.24 11.66
C8 E5R E . -1.39 -15.45 9.79
C9 E5R E . -1.78 -15.45 8.35
O1 E5R E . -0.60 -9.68 17.42
O2 E5R E . 1.06 -12.75 12.15
O3 E5R E . 2.69 -11.33 12.30
N LYS F . -8.62 -12.50 7.40
CA LYS F . -8.05 -13.79 7.78
C LYS F . -6.97 -13.62 8.86
O LYS F . -6.39 -14.59 9.32
CB LYS F . -7.46 -14.49 6.56
CG LYS F . -8.44 -14.70 5.42
CD LYS F . -9.47 -15.76 5.78
CE LYS F . -10.34 -16.08 4.58
NZ LYS F . -11.15 -14.91 4.15
OXT LYS F . -6.68 -12.51 9.28
#